data_4FX9
#
_entry.id   4FX9
#
_cell.length_a   133.544
_cell.length_b   133.544
_cell.length_c   305.083
_cell.angle_alpha   90.00
_cell.angle_beta   90.00
_cell.angle_gamma   120.00
#
_symmetry.space_group_name_H-M   'H 3 2'
#
loop_
_entity.id
_entity.type
_entity.pdbx_description
1 polymer 'Coenzyme A disulfide reductase'
2 non-polymer 'FLAVIN-ADENINE DINUCLEOTIDE'
3 non-polymer 'COENZYME A'
4 water water
#
_entity_poly.entity_id   1
_entity_poly.type   'polypeptide(L)'
_entity_poly.pdbx_seq_one_letter_code
;MGENMKKKVVIIGGGAAGMSAASRVKRLKPEWDVKVFEATEWVSHAPCGIPYVVEGLSTPDKLMYYPPEVFIKKRGIDLH
LNAEVIEVDTGYVRVRENGGEKSYEWDYLVFANGASPQVPAIEGVNLKGVFTADLPPDALAIREYMEKYKVENVVIIGGG
YIGIEMAEAFAAQGKNVTMIVRGERVLRRSFDKEVTDILEEKLKKHVNLRLQEITMKIEGEERVEKVVTDAGEYKAELVI
LATGIKPNIELAKQLGVRIGETGAIWTNEKMQTSVENVYAAGDVAETRHVITGRRVWVPLAPAGNKMGYVAGSNIAGKEL
HFPGVLGTAVTKFMDVEIGKTGLTEMEALKEGYDVRTAFIKASTRPHYYPGGREIWLKGVVDNETNRLLGVQVVGSDILP
RIDTAAAMLMAGFTTKDAFFTDLAYAPPFAPVWDPLIVLARVLKFLEHHHHHH
;
_entity_poly.pdbx_strand_id   A,B
#
loop_
_chem_comp.id
_chem_comp.type
_chem_comp.name
_chem_comp.formula
COA non-polymer 'COENZYME A' 'C21 H36 N7 O16 P3 S'
FAD non-polymer 'FLAVIN-ADENINE DINUCLEOTIDE' 'C27 H33 N9 O15 P2'
#
# COMPACT_ATOMS: atom_id res chain seq x y z
N MET A 5 45.56 2.55 6.65
CA MET A 5 45.78 3.95 6.31
C MET A 5 44.47 4.64 6.19
N LYS A 6 44.43 5.90 6.59
CA LYS A 6 43.27 6.69 6.37
C LYS A 6 43.28 6.93 4.91
N LYS A 7 42.16 7.36 4.35
CA LYS A 7 42.04 7.54 2.92
C LYS A 7 41.19 8.75 2.64
N LYS A 8 41.43 9.40 1.52
CA LYS A 8 40.73 10.64 1.17
C LYS A 8 39.63 10.37 0.15
N VAL A 9 38.39 10.64 0.55
CA VAL A 9 37.23 10.44 -0.33
C VAL A 9 36.67 11.79 -0.77
N VAL A 10 36.43 11.94 -2.08
CA VAL A 10 35.89 13.17 -2.65
C VAL A 10 34.57 12.90 -3.37
N ILE A 11 33.57 13.71 -3.05
CA ILE A 11 32.22 13.56 -3.61
C ILE A 11 31.79 14.82 -4.36
N ILE A 12 31.43 14.66 -5.62
CA ILE A 12 31.00 15.76 -6.46
C ILE A 12 29.48 15.86 -6.49
N GLY A 13 28.93 16.88 -5.83
CA GLY A 13 27.49 17.08 -5.75
C GLY A 13 26.96 16.77 -4.36
N GLY A 14 26.21 17.71 -3.80
CA GLY A 14 25.70 17.59 -2.44
C GLY A 14 24.20 17.38 -2.33
N GLY A 15 23.63 16.70 -3.32
CA GLY A 15 22.22 16.34 -3.30
C GLY A 15 21.99 15.05 -2.55
N ALA A 16 20.79 14.47 -2.73
CA ALA A 16 20.39 13.23 -2.05
C ALA A 16 21.43 12.12 -2.14
N ALA A 17 21.82 11.78 -3.36
CA ALA A 17 22.79 10.70 -3.61
C ALA A 17 24.16 11.00 -3.00
N GLY A 18 24.58 12.26 -3.08
CA GLY A 18 25.89 12.68 -2.60
C GLY A 18 26.06 12.58 -1.10
N MET A 19 25.05 13.05 -0.36
CA MET A 19 25.10 13.05 1.09
C MET A 19 24.88 11.65 1.67
N SER A 20 24.11 10.83 0.95
CA SER A 20 23.94 9.43 1.29
C SER A 20 25.27 8.69 1.18
N ALA A 21 26.03 9.03 0.14
CA ALA A 21 27.37 8.48 -0.05
C ALA A 21 28.35 9.03 0.99
N ALA A 22 28.23 10.32 1.28
CA ALA A 22 29.07 10.98 2.29
C ALA A 22 28.84 10.43 3.69
N SER A 23 27.58 10.34 4.08
CA SER A 23 27.20 9.86 5.41
C SER A 23 27.69 8.43 5.65
N ARG A 24 27.55 7.62 4.64
CA ARG A 24 27.79 6.21 4.74
C ARG A 24 29.24 5.96 4.92
N VAL A 25 30.06 6.73 4.24
CA VAL A 25 31.46 6.50 4.29
C VAL A 25 32.01 6.94 5.60
N LYS A 26 31.53 8.04 6.11
CA LYS A 26 32.03 8.55 7.36
C LYS A 26 31.52 7.71 8.47
N ARG A 27 30.28 7.31 8.35
CA ARG A 27 29.66 6.44 9.33
C ARG A 27 30.48 5.16 9.52
N LEU A 28 30.91 4.56 8.42
CA LEU A 28 31.69 3.33 8.47
C LEU A 28 33.17 3.58 8.74
N LYS A 29 33.65 4.73 8.30
CA LYS A 29 35.03 5.11 8.50
C LYS A 29 35.17 6.52 9.00
N PRO A 30 35.11 6.72 10.30
CA PRO A 30 35.19 8.06 10.91
C PRO A 30 36.56 8.72 10.72
N GLU A 31 37.62 7.91 10.68
CA GLU A 31 38.99 8.40 10.51
C GLU A 31 39.33 8.88 9.09
N TRP A 32 38.40 8.68 8.16
CA TRP A 32 38.61 9.06 6.76
C TRP A 32 38.16 10.49 6.48
N ASP A 33 38.85 11.14 5.55
CA ASP A 33 38.57 12.53 5.17
C ASP A 33 37.56 12.56 4.02
N VAL A 34 36.33 12.96 4.35
CA VAL A 34 35.22 12.96 3.38
C VAL A 34 34.82 14.38 2.99
N LYS A 35 35.13 14.75 1.75
CA LYS A 35 34.80 16.07 1.24
C LYS A 35 33.65 16.00 0.25
N VAL A 36 32.74 16.96 0.35
CA VAL A 36 31.67 17.13 -0.62
C VAL A 36 31.78 18.52 -1.22
N PHE A 37 31.74 18.60 -2.55
CA PHE A 37 31.76 19.88 -3.24
C PHE A 37 30.42 20.14 -3.92
N GLU A 38 29.64 21.06 -3.35
CA GLU A 38 28.36 21.46 -3.90
C GLU A 38 28.44 22.89 -4.45
N ALA A 39 27.93 23.09 -5.67
CA ALA A 39 28.03 24.36 -6.37
C ALA A 39 27.11 25.46 -5.84
N THR A 40 25.97 25.06 -5.26
CA THR A 40 24.95 26.01 -4.82
C THR A 40 25.02 26.30 -3.32
N GLU A 41 23.99 26.98 -2.79
CA GLU A 41 23.85 27.22 -1.35
C GLU A 41 23.23 26.02 -0.66
N TRP A 42 22.83 25.03 -1.45
CA TRP A 42 21.91 23.97 -1.01
C TRP A 42 22.56 22.61 -0.81
N VAL A 43 22.21 21.95 0.28
CA VAL A 43 22.66 20.59 0.59
C VAL A 43 21.52 19.80 1.26
N SER A 44 21.45 18.50 0.94
CA SER A 44 20.39 17.62 1.43
C SER A 44 19.01 18.13 0.98
N HIS A 45 18.99 18.66 -0.24
CA HIS A 45 17.84 19.36 -0.77
C HIS A 45 16.92 18.45 -1.59
N ALA A 46 15.72 18.93 -1.87
CA ALA A 46 14.75 18.17 -2.63
C ALA A 46 14.22 18.95 -3.85
N PRO A 47 14.69 18.58 -5.05
CA PRO A 47 14.11 19.09 -6.29
C PRO A 47 12.62 18.74 -6.44
N CYS A 48 12.17 17.73 -5.71
CA CYS A 48 10.77 17.29 -5.74
C CYS A 48 9.82 18.31 -5.14
N GLY A 49 10.34 19.12 -4.22
CA GLY A 49 9.53 20.13 -3.55
C GLY A 49 9.29 21.40 -4.35
N ILE A 50 10.10 21.65 -5.36
CA ILE A 50 10.00 22.88 -6.12
C ILE A 50 8.59 23.25 -6.53
N PRO A 51 7.87 22.32 -7.11
CA PRO A 51 6.54 22.63 -7.62
C PRO A 51 5.65 23.09 -6.52
N TYR A 52 5.99 22.69 -5.33
CA TYR A 52 5.09 22.90 -4.25
C TYR A 52 5.57 24.09 -3.49
N VAL A 53 6.80 24.48 -3.74
CA VAL A 53 7.31 25.72 -3.23
C VAL A 53 6.76 26.81 -4.09
N VAL A 54 6.80 26.58 -5.38
CA VAL A 54 6.33 27.55 -6.29
C VAL A 54 4.85 27.65 -6.08
N GLU A 55 4.15 26.55 -6.06
CA GLU A 55 2.74 26.66 -5.80
C GLU A 55 2.57 27.54 -4.57
N GLY A 56 3.50 27.41 -3.66
CA GLY A 56 3.43 28.21 -2.47
C GLY A 56 2.88 27.41 -1.34
N LEU A 57 2.73 26.10 -1.51
CA LEU A 57 2.22 25.26 -0.45
C LEU A 57 3.17 25.25 0.72
N SER A 58 4.42 25.58 0.43
CA SER A 58 5.42 25.68 1.44
C SER A 58 6.59 26.52 1.02
N THR A 59 7.56 26.64 1.92
CA THR A 59 8.69 27.51 1.74
C THR A 59 9.94 26.77 1.35
N PRO A 60 10.90 27.52 0.88
CA PRO A 60 12.08 26.99 0.23
C PRO A 60 13.13 26.53 1.18
N ASP A 61 12.96 26.74 2.46
CA ASP A 61 13.96 26.26 3.35
C ASP A 61 13.59 24.85 3.68
N LYS A 62 12.36 24.51 3.32
CA LYS A 62 11.84 23.20 3.67
C LYS A 62 12.11 22.24 2.54
N LEU A 63 13.03 22.64 1.69
CA LEU A 63 13.56 21.75 0.71
C LEU A 63 14.88 21.24 1.21
N MET A 64 15.21 21.53 2.46
CA MET A 64 16.35 20.86 3.07
C MET A 64 15.94 19.83 4.12
N TYR A 65 16.70 18.75 4.17
CA TYR A 65 16.46 17.75 5.11
C TYR A 65 17.26 18.16 6.29
N TYR A 66 18.56 18.15 6.15
CA TYR A 66 19.47 18.58 7.21
C TYR A 66 20.25 19.84 6.77
N PRO A 67 20.50 20.76 7.72
CA PRO A 67 21.38 21.91 7.48
C PRO A 67 22.87 21.53 7.43
N PRO A 68 23.72 22.42 6.88
CA PRO A 68 25.18 22.19 6.73
C PRO A 68 25.91 21.72 7.99
N GLU A 69 25.67 22.37 9.13
CA GLU A 69 26.39 22.07 10.38
C GLU A 69 26.11 20.67 10.93
N VAL A 70 24.95 20.11 10.58
CA VAL A 70 24.61 18.73 10.91
C VAL A 70 25.58 17.77 10.20
N PHE A 71 26.00 18.14 8.99
CA PHE A 71 26.98 17.35 8.24
C PHE A 71 28.41 17.63 8.68
N ILE A 72 28.74 18.90 8.95
CA ILE A 72 30.10 19.29 9.31
C ILE A 72 30.43 19.00 10.78
N LYS A 73 29.68 19.60 11.70
CA LYS A 73 29.94 19.46 13.12
C LYS A 73 29.42 18.14 13.70
N LYS A 74 28.22 17.74 13.27
CA LYS A 74 27.55 16.57 13.84
C LYS A 74 27.88 15.25 13.12
N ARG A 75 28.40 15.34 11.89
CA ARG A 75 28.74 14.14 11.11
C ARG A 75 30.17 14.12 10.54
N GLY A 76 30.94 15.18 10.81
CA GLY A 76 32.35 15.24 10.45
C GLY A 76 32.67 15.28 8.97
N ILE A 77 31.70 15.72 8.16
CA ILE A 77 31.87 15.79 6.71
C ILE A 77 32.35 17.17 6.28
N ASP A 78 33.48 17.18 5.57
CA ASP A 78 34.06 18.43 5.06
C ASP A 78 33.24 18.96 3.89
N LEU A 79 32.17 19.68 4.22
CA LEU A 79 31.24 20.21 3.23
C LEU A 79 31.67 21.58 2.71
N HIS A 80 32.00 21.64 1.42
CA HIS A 80 32.34 22.89 0.76
C HIS A 80 31.15 23.36 -0.07
N LEU A 81 30.45 24.39 0.41
CA LEU A 81 29.37 25.02 -0.34
C LEU A 81 29.92 26.05 -1.32
N ASN A 82 29.09 26.50 -2.26
CA ASN A 82 29.49 27.40 -3.34
C ASN A 82 30.74 26.92 -4.09
N ALA A 83 30.96 25.61 -4.08
CA ALA A 83 32.15 25.00 -4.64
C ALA A 83 31.83 24.16 -5.88
N GLU A 84 32.27 24.63 -7.04
CA GLU A 84 32.05 23.94 -8.30
C GLU A 84 33.30 23.21 -8.74
N VAL A 85 33.18 21.89 -8.87
CA VAL A 85 34.21 21.05 -9.47
C VAL A 85 34.23 21.33 -10.96
N ILE A 86 35.38 21.79 -11.47
CA ILE A 86 35.51 22.18 -12.87
C ILE A 86 36.37 21.23 -13.71
N GLU A 87 37.24 20.48 -13.05
CA GLU A 87 38.11 19.52 -13.73
C GLU A 87 38.42 18.29 -12.87
N VAL A 88 38.54 17.15 -13.53
CA VAL A 88 38.95 15.93 -12.91
C VAL A 88 39.95 15.14 -13.75
N ASP A 89 40.99 14.61 -13.12
CA ASP A 89 41.89 13.68 -13.74
C ASP A 89 42.26 12.72 -12.66
N THR A 90 42.96 11.67 -13.02
CA THR A 90 43.28 10.61 -12.12
C THR A 90 43.93 11.12 -10.85
N GLY A 91 43.26 10.95 -9.74
CA GLY A 91 43.76 11.32 -8.41
C GLY A 91 43.62 12.78 -8.02
N TYR A 92 43.18 13.63 -8.95
CA TYR A 92 43.10 15.08 -8.72
C TYR A 92 41.74 15.68 -9.05
N VAL A 93 41.30 16.62 -8.21
CA VAL A 93 40.11 17.43 -8.47
C VAL A 93 40.49 18.90 -8.52
N ARG A 94 39.79 19.67 -9.34
CA ARG A 94 40.00 21.12 -9.42
C ARG A 94 38.69 21.86 -9.16
N VAL A 95 38.67 22.69 -8.12
CA VAL A 95 37.46 23.37 -7.65
C VAL A 95 37.59 24.90 -7.75
N ARG A 96 36.46 25.60 -7.65
CA ARG A 96 36.44 27.06 -7.63
C ARG A 96 35.80 27.60 -6.35
N GLY A 99 35.28 32.21 -4.50
CA GLY A 99 36.56 32.75 -4.07
C GLY A 99 37.64 31.69 -3.98
N GLY A 100 38.52 31.68 -4.96
CA GLY A 100 39.58 30.68 -5.05
C GLY A 100 39.33 29.55 -6.03
N GLU A 101 40.41 28.98 -6.57
CA GLU A 101 40.36 27.90 -7.55
C GLU A 101 41.40 26.84 -7.17
N LYS A 102 41.04 25.94 -6.24
CA LYS A 102 42.00 25.04 -5.63
C LYS A 102 41.98 23.58 -6.06
N SER A 103 43.05 22.88 -5.71
CA SER A 103 43.18 21.47 -6.11
C SER A 103 43.14 20.55 -4.89
N TYR A 104 42.54 19.37 -5.07
CA TYR A 104 42.47 18.35 -4.04
C TYR A 104 42.83 16.98 -4.61
N GLU A 105 43.42 16.14 -3.77
CA GLU A 105 43.71 14.75 -4.15
C GLU A 105 42.64 13.80 -3.61
N TRP A 106 42.36 12.73 -4.37
CA TRP A 106 41.42 11.71 -3.92
C TRP A 106 41.92 10.29 -4.07
N ASP A 107 41.53 9.44 -3.13
CA ASP A 107 41.74 8.01 -3.21
C ASP A 107 40.47 7.35 -3.75
N TYR A 108 39.35 8.03 -3.54
CA TYR A 108 38.05 7.59 -4.05
C TYR A 108 37.23 8.79 -4.54
N LEU A 109 36.46 8.57 -5.60
CA LEU A 109 35.63 9.61 -6.19
C LEU A 109 34.20 9.14 -6.43
N VAL A 110 33.24 10.00 -6.10
CA VAL A 110 31.83 9.73 -6.36
C VAL A 110 31.22 10.82 -7.23
N PHE A 111 30.70 10.43 -8.39
CA PHE A 111 29.86 11.30 -9.21
C PHE A 111 28.43 11.23 -8.68
N ALA A 112 28.11 12.13 -7.77
CA ALA A 112 26.74 12.26 -7.25
C ALA A 112 26.19 13.56 -7.84
N ASN A 113 26.11 13.56 -9.16
CA ASN A 113 26.23 14.78 -9.95
C ASN A 113 24.93 15.29 -10.58
N GLY A 114 23.89 14.45 -10.56
CA GLY A 114 22.55 14.86 -11.00
C GLY A 114 22.39 15.06 -12.50
N ALA A 115 21.19 15.45 -12.90
CA ALA A 115 20.88 15.68 -14.30
C ALA A 115 20.26 17.05 -14.53
N SER A 116 20.85 17.81 -15.45
CA SER A 116 20.34 19.13 -15.81
C SER A 116 19.29 19.02 -16.91
N PRO A 117 18.35 19.99 -16.96
CA PRO A 117 17.28 19.97 -17.96
C PRO A 117 17.81 20.14 -19.38
N GLN A 118 17.11 19.52 -20.33
CA GLN A 118 17.50 19.62 -21.75
C GLN A 118 17.12 20.98 -22.31
N VAL A 119 18.06 21.57 -23.06
CA VAL A 119 17.87 22.90 -23.64
C VAL A 119 17.54 22.84 -25.14
N PRO A 120 16.25 23.03 -25.49
CA PRO A 120 15.84 23.04 -26.89
C PRO A 120 16.20 24.36 -27.55
N ALA A 121 17.06 24.29 -28.56
CA ALA A 121 17.58 25.48 -29.24
C ALA A 121 16.55 26.14 -30.15
N ILE A 122 15.73 27.01 -29.56
CA ILE A 122 14.81 27.86 -30.32
C ILE A 122 14.98 29.32 -29.87
N GLU A 123 14.40 30.24 -30.64
CA GLU A 123 14.50 31.67 -30.37
C GLU A 123 13.77 32.06 -29.08
N GLY A 124 14.36 32.98 -28.33
CA GLY A 124 13.73 33.54 -27.13
C GLY A 124 13.89 32.71 -25.87
N VAL A 125 14.67 31.63 -25.96
CA VAL A 125 14.95 30.75 -24.82
C VAL A 125 15.63 31.47 -23.65
N ASN A 126 16.27 32.59 -23.94
CA ASN A 126 17.12 33.24 -22.97
C ASN A 126 16.55 34.50 -22.38
N LEU A 127 15.28 34.71 -22.67
CA LEU A 127 14.55 35.92 -22.32
C LEU A 127 14.22 35.99 -20.88
N LYS A 128 14.43 37.12 -20.25
CA LYS A 128 13.95 37.19 -18.91
C LYS A 128 12.57 36.61 -19.07
N GLY A 129 12.15 35.77 -18.13
CA GLY A 129 10.82 35.21 -18.20
C GLY A 129 10.70 33.73 -18.45
N VAL A 130 11.78 33.10 -18.90
CA VAL A 130 11.76 31.69 -19.22
C VAL A 130 12.49 30.94 -18.17
N PHE A 131 11.85 29.91 -17.66
CA PHE A 131 12.39 29.16 -16.54
C PHE A 131 12.37 27.65 -16.75
N THR A 132 13.37 26.99 -16.17
CA THR A 132 13.43 25.54 -16.13
C THR A 132 13.56 25.08 -14.67
N ALA A 133 12.74 24.12 -14.29
CA ALA A 133 12.65 23.68 -12.89
C ALA A 133 13.49 22.43 -12.63
N ASP A 134 14.61 22.61 -11.93
CA ASP A 134 15.50 21.49 -11.62
C ASP A 134 15.95 21.62 -10.16
N LEU A 135 16.64 22.72 -9.84
CA LEU A 135 17.27 22.87 -8.53
C LEU A 135 16.55 23.94 -7.68
N PRO A 136 16.73 23.90 -6.34
CA PRO A 136 16.06 24.85 -5.44
C PRO A 136 16.24 26.36 -5.75
N PRO A 137 17.42 26.80 -6.25
CA PRO A 137 17.51 28.21 -6.65
C PRO A 137 16.51 28.61 -7.74
N ASP A 138 16.05 27.64 -8.53
CA ASP A 138 15.04 27.88 -9.55
C ASP A 138 13.68 28.24 -8.95
N ALA A 139 13.37 27.63 -7.80
CA ALA A 139 12.10 27.88 -7.10
C ALA A 139 12.00 29.30 -6.56
N LEU A 140 13.10 29.80 -5.99
CA LEU A 140 13.15 31.16 -5.46
C LEU A 140 13.12 32.18 -6.59
N ALA A 141 13.80 31.87 -7.69
CA ALA A 141 13.89 32.75 -8.85
C ALA A 141 12.54 32.98 -9.53
N ILE A 142 11.70 31.94 -9.53
CA ILE A 142 10.35 32.02 -10.10
C ILE A 142 9.43 32.87 -9.22
N ARG A 143 9.57 32.73 -7.91
CA ARG A 143 8.76 33.48 -6.94
C ARG A 143 9.27 34.93 -6.81
N GLU A 144 10.58 35.11 -6.98
CA GLU A 144 11.21 36.43 -7.00
C GLU A 144 10.81 37.17 -8.28
N TYR A 145 10.40 36.40 -9.30
CA TYR A 145 9.93 36.95 -10.57
C TYR A 145 8.47 37.36 -10.50
N MET A 146 7.62 36.47 -9.99
CA MET A 146 6.18 36.72 -9.86
C MET A 146 5.88 37.89 -8.91
N GLU A 147 6.91 38.36 -8.21
CA GLU A 147 6.82 39.53 -7.35
C GLU A 147 7.19 40.80 -8.12
N LYS A 148 8.33 40.77 -8.80
CA LYS A 148 8.82 41.92 -9.57
C LYS A 148 7.95 42.23 -10.79
N TYR A 149 7.22 41.23 -11.27
CA TYR A 149 6.31 41.38 -12.41
C TYR A 149 4.92 40.82 -12.09
N LYS A 150 3.94 41.17 -12.92
CA LYS A 150 2.58 40.68 -12.76
C LYS A 150 2.28 39.65 -13.84
N VAL A 151 2.02 38.41 -13.42
CA VAL A 151 1.79 37.29 -14.34
C VAL A 151 0.35 36.78 -14.20
N GLU A 152 -0.29 36.50 -15.33
CA GLU A 152 -1.60 35.85 -15.32
C GLU A 152 -1.67 34.72 -16.35
N ASN A 153 -0.85 34.82 -17.39
CA ASN A 153 -0.77 33.79 -18.43
C ASN A 153 0.55 33.03 -18.35
N VAL A 154 0.46 31.71 -18.28
CA VAL A 154 1.63 30.83 -18.20
C VAL A 154 1.55 29.70 -19.23
N VAL A 155 2.63 29.49 -19.97
CA VAL A 155 2.73 28.39 -20.93
C VAL A 155 3.77 27.37 -20.45
N ILE A 156 3.48 26.09 -20.67
CA ILE A 156 4.39 25.01 -20.29
C ILE A 156 4.66 24.10 -21.48
N ILE A 157 5.92 24.01 -21.84
CA ILE A 157 6.38 23.17 -22.90
C ILE A 157 6.91 21.96 -22.24
N GLY A 158 6.23 20.86 -22.48
CA GLY A 158 6.57 19.56 -21.99
C GLY A 158 5.32 18.91 -21.49
N GLY A 159 5.10 17.64 -21.78
CA GLY A 159 3.95 16.94 -21.28
C GLY A 159 4.32 15.77 -20.41
N GLY A 160 5.37 15.92 -19.62
CA GLY A 160 5.79 14.90 -18.72
C GLY A 160 5.28 15.14 -17.34
N TYR A 161 5.95 14.59 -16.35
CA TYR A 161 5.51 14.76 -14.97
C TYR A 161 5.99 16.06 -14.40
N ILE A 162 7.25 16.35 -14.60
CA ILE A 162 7.80 17.65 -14.19
C ILE A 162 6.91 18.81 -14.65
N GLY A 163 6.39 18.71 -15.87
CA GLY A 163 5.54 19.74 -16.46
C GLY A 163 4.13 19.78 -15.84
N ILE A 164 3.56 18.60 -15.60
CA ILE A 164 2.24 18.47 -14.98
C ILE A 164 2.20 19.05 -13.58
N GLU A 165 3.23 18.73 -12.79
CA GLU A 165 3.34 19.22 -11.42
C GLU A 165 3.49 20.74 -11.38
N MET A 166 4.25 21.29 -12.34
CA MET A 166 4.39 22.72 -12.49
C MET A 166 3.09 23.37 -12.96
N ALA A 167 2.42 22.72 -13.90
CA ALA A 167 1.12 23.18 -14.38
C ALA A 167 0.14 23.34 -13.23
N GLU A 168 -0.01 22.26 -12.44
CA GLU A 168 -0.85 22.27 -11.25
C GLU A 168 -0.45 23.38 -10.28
N ALA A 169 0.86 23.59 -10.14
CA ALA A 169 1.40 24.63 -9.26
C ALA A 169 0.97 26.04 -9.64
N PHE A 170 0.40 26.17 -10.84
CA PHE A 170 -0.07 27.47 -11.32
C PHE A 170 -1.60 27.59 -11.39
N ALA A 171 -2.29 26.50 -11.73
CA ALA A 171 -3.76 26.48 -11.76
C ALA A 171 -4.31 26.75 -10.35
N ALA A 172 -3.62 26.23 -9.35
CA ALA A 172 -3.95 26.44 -7.95
C ALA A 172 -3.82 27.91 -7.55
N GLN A 173 -2.89 28.61 -8.21
CA GLN A 173 -2.69 30.05 -8.00
C GLN A 173 -3.62 30.87 -8.90
N GLY A 174 -4.51 30.17 -9.62
CA GLY A 174 -5.54 30.80 -10.44
C GLY A 174 -5.01 31.51 -11.67
N LYS A 175 -4.39 30.76 -12.57
CA LYS A 175 -3.81 31.33 -13.80
C LYS A 175 -4.42 30.70 -15.05
N ASN A 176 -4.25 31.38 -16.19
CA ASN A 176 -4.56 30.80 -17.49
C ASN A 176 -3.37 29.98 -17.99
N VAL A 177 -3.44 28.68 -17.77
CA VAL A 177 -2.32 27.77 -18.05
C VAL A 177 -2.54 27.03 -19.36
N THR A 178 -1.47 26.92 -20.15
CA THR A 178 -1.50 26.20 -21.42
C THR A 178 -0.35 25.18 -21.50
N MET A 179 -0.69 23.92 -21.70
CA MET A 179 0.32 22.92 -21.88
C MET A 179 0.46 22.57 -23.33
N ILE A 180 1.68 22.54 -23.79
CA ILE A 180 1.99 22.18 -25.17
C ILE A 180 2.91 20.96 -25.21
N VAL A 181 2.30 19.84 -25.56
CA VAL A 181 2.96 18.57 -25.65
C VAL A 181 3.19 18.27 -27.12
N ARG A 182 4.31 17.66 -27.39
CA ARG A 182 4.74 17.38 -28.73
C ARG A 182 4.14 16.14 -29.38
N GLY A 183 3.26 15.42 -28.72
CA GLY A 183 2.51 14.44 -29.49
C GLY A 183 1.26 13.95 -28.82
N GLU A 184 0.70 12.86 -29.29
CA GLU A 184 -0.70 12.58 -29.12
C GLU A 184 -1.21 12.50 -27.72
N ARG A 185 -0.33 12.33 -26.77
CA ARG A 185 -0.78 12.22 -25.38
C ARG A 185 0.24 12.67 -24.33
N VAL A 186 -0.25 12.84 -23.11
CA VAL A 186 0.57 13.21 -21.96
C VAL A 186 1.27 11.97 -21.40
N LEU A 187 2.54 12.13 -21.02
CA LEU A 187 3.33 11.03 -20.43
C LEU A 187 3.40 9.79 -21.34
N ARG A 188 3.39 10.00 -22.65
CA ARG A 188 3.37 8.90 -23.63
C ARG A 188 4.62 8.03 -23.55
N ARG A 189 5.65 8.55 -22.96
CA ARG A 189 6.89 7.85 -22.91
C ARG A 189 6.89 6.83 -21.81
N SER A 190 6.13 7.08 -20.78
CA SER A 190 6.18 6.28 -19.54
C SER A 190 4.91 5.46 -19.24
N PHE A 191 3.75 5.92 -19.71
CA PHE A 191 2.48 5.26 -19.42
C PHE A 191 1.73 4.87 -20.70
N ASP A 192 0.77 3.95 -20.56
CA ASP A 192 -0.07 3.53 -21.67
C ASP A 192 -1.31 4.41 -21.81
N LYS A 193 -1.91 4.38 -22.99
CA LYS A 193 -3.04 5.26 -23.36
C LYS A 193 -4.24 5.18 -22.42
N GLU A 194 -4.67 3.96 -22.10
CA GLU A 194 -5.88 3.77 -21.28
C GLU A 194 -5.72 4.21 -19.82
N VAL A 195 -4.48 4.44 -19.39
CA VAL A 195 -4.18 5.00 -18.08
C VAL A 195 -4.07 6.52 -18.22
N THR A 196 -3.35 6.93 -19.26
CA THR A 196 -3.09 8.33 -19.55
C THR A 196 -4.37 9.11 -19.87
N ASP A 197 -5.35 8.41 -20.47
CA ASP A 197 -6.64 8.99 -20.83
C ASP A 197 -7.38 9.57 -19.64
N ILE A 198 -7.28 8.88 -18.50
CA ILE A 198 -8.02 9.23 -17.29
C ILE A 198 -7.44 10.45 -16.57
N LEU A 199 -6.13 10.63 -16.67
CA LEU A 199 -5.47 11.84 -16.19
C LEU A 199 -5.86 13.02 -17.08
N GLU A 200 -6.01 12.74 -18.37
CA GLU A 200 -6.30 13.76 -19.39
C GLU A 200 -7.73 14.32 -19.31
N GLU A 201 -8.71 13.48 -19.01
CA GLU A 201 -10.09 13.94 -18.80
C GLU A 201 -10.13 15.09 -17.80
N LYS A 202 -9.41 14.91 -16.70
CA LYS A 202 -9.29 15.92 -15.65
C LYS A 202 -8.38 17.06 -16.08
N LEU A 203 -7.38 16.75 -16.90
CA LEU A 203 -6.40 17.74 -17.35
C LEU A 203 -6.99 18.71 -18.36
N LYS A 204 -7.68 18.19 -19.36
CA LYS A 204 -8.25 19.03 -20.38
C LYS A 204 -9.05 20.19 -19.84
N LYS A 205 -9.67 19.94 -18.69
CA LYS A 205 -10.73 20.70 -18.11
C LYS A 205 -10.24 21.88 -17.34
N HIS A 206 -9.13 21.69 -16.71
CA HIS A 206 -8.49 22.64 -15.80
C HIS A 206 -7.29 23.31 -16.46
N VAL A 207 -7.02 22.90 -17.69
CA VAL A 207 -5.82 23.29 -18.41
C VAL A 207 -6.12 23.37 -19.89
N ASN A 208 -5.49 24.33 -20.57
CA ASN A 208 -5.54 24.40 -22.02
C ASN A 208 -4.53 23.43 -22.62
N LEU A 209 -4.98 22.19 -22.85
CA LEU A 209 -4.09 21.14 -23.34
C LEU A 209 -3.96 21.19 -24.86
N ARG A 210 -2.74 21.48 -25.31
CA ARG A 210 -2.45 21.59 -26.74
C ARG A 210 -1.56 20.44 -27.22
N LEU A 211 -2.20 19.38 -27.70
CA LEU A 211 -1.53 18.18 -28.17
C LEU A 211 -1.12 18.33 -29.64
N GLN A 212 -0.15 17.52 -30.05
CA GLN A 212 0.36 17.48 -31.40
C GLN A 212 0.91 18.78 -31.89
N GLU A 213 1.72 19.40 -31.07
CA GLU A 213 2.30 20.71 -31.40
C GLU A 213 3.77 20.85 -31.01
N ILE A 214 4.50 21.62 -31.81
CA ILE A 214 5.89 21.90 -31.58
C ILE A 214 6.08 23.38 -31.40
N THR A 215 6.80 23.74 -30.37
CA THR A 215 7.08 25.16 -30.10
C THR A 215 8.16 25.71 -31.02
N MET A 216 7.91 26.85 -31.64
CA MET A 216 8.84 27.40 -32.61
C MET A 216 9.64 28.54 -32.05
N LYS A 217 8.97 29.47 -31.45
CA LYS A 217 9.69 30.62 -30.90
C LYS A 217 9.07 31.22 -29.63
N ILE A 218 9.87 32.01 -28.93
CA ILE A 218 9.46 32.72 -27.72
C ILE A 218 9.76 34.21 -27.89
N GLU A 219 8.71 35.04 -27.79
CA GLU A 219 8.83 36.48 -28.06
C GLU A 219 8.82 37.36 -26.81
N GLY A 220 9.25 38.60 -26.97
CA GLY A 220 9.25 39.54 -25.87
C GLY A 220 10.14 40.73 -26.11
N GLU A 221 10.45 41.44 -25.05
CA GLU A 221 11.36 42.54 -25.13
C GLU A 221 12.63 42.12 -24.42
N GLU A 222 12.61 42.26 -23.11
CA GLU A 222 13.58 41.65 -22.28
C GLU A 222 12.74 40.78 -21.38
N ARG A 223 11.44 41.00 -21.48
CA ARG A 223 10.47 40.22 -20.76
C ARG A 223 9.79 39.40 -21.79
N VAL A 224 9.40 38.20 -21.40
CA VAL A 224 8.60 37.35 -22.31
C VAL A 224 7.14 37.81 -22.41
N GLU A 225 6.57 37.70 -23.61
CA GLU A 225 5.21 38.17 -23.87
C GLU A 225 4.33 37.19 -24.67
N LYS A 226 4.95 36.33 -25.48
CA LYS A 226 4.20 35.41 -26.34
C LYS A 226 4.98 34.15 -26.71
N VAL A 227 4.25 33.08 -27.03
CA VAL A 227 4.85 31.83 -27.49
C VAL A 227 4.16 31.34 -28.77
N VAL A 228 4.96 31.08 -29.81
CA VAL A 228 4.46 30.65 -31.10
C VAL A 228 4.79 29.19 -31.38
N THR A 229 3.81 28.45 -31.82
CA THR A 229 4.03 27.07 -32.14
C THR A 229 3.61 26.83 -33.56
N ASP A 230 3.96 25.66 -34.07
CA ASP A 230 3.67 25.34 -35.44
C ASP A 230 2.20 25.52 -35.74
N ALA A 231 1.43 25.80 -34.71
CA ALA A 231 0.02 25.58 -34.74
C ALA A 231 -0.73 26.86 -34.48
N GLY A 232 -0.28 27.62 -33.52
CA GLY A 232 -1.04 28.78 -33.15
C GLY A 232 -0.31 29.63 -32.17
N GLU A 233 -0.90 30.75 -31.81
CA GLU A 233 -0.27 31.66 -30.86
C GLU A 233 -0.92 31.61 -29.48
N TYR A 234 -0.12 31.85 -28.44
CA TYR A 234 -0.60 31.86 -27.06
C TYR A 234 0.05 33.01 -26.28
N LYS A 235 -0.79 33.78 -25.59
CA LYS A 235 -0.32 34.85 -24.71
C LYS A 235 0.34 34.23 -23.48
N ALA A 236 1.54 34.70 -23.15
CA ALA A 236 2.30 34.14 -22.05
C ALA A 236 3.17 35.19 -21.37
N GLU A 237 3.22 35.17 -20.04
CA GLU A 237 4.05 36.11 -19.31
C GLU A 237 5.12 35.39 -18.53
N LEU A 238 5.01 34.08 -18.48
CA LEU A 238 6.04 33.23 -17.86
C LEU A 238 6.02 31.84 -18.51
N VAL A 239 7.21 31.34 -18.81
CA VAL A 239 7.36 30.04 -19.47
C VAL A 239 8.13 29.04 -18.61
N ILE A 240 7.57 27.84 -18.46
CA ILE A 240 8.32 26.70 -17.90
C ILE A 240 8.63 25.73 -19.04
N LEU A 241 9.90 25.35 -19.09
CA LEU A 241 10.39 24.36 -20.01
C LEU A 241 10.67 23.06 -19.33
N ALA A 242 9.88 22.06 -19.61
CA ALA A 242 10.15 20.70 -19.13
C ALA A 242 10.11 19.74 -20.31
N THR A 243 11.21 19.71 -21.07
CA THR A 243 11.31 18.91 -22.29
C THR A 243 12.20 17.69 -22.10
N GLY A 244 12.40 17.30 -20.83
CA GLY A 244 13.27 16.19 -20.49
C GLY A 244 14.57 16.67 -19.87
N ILE A 245 15.36 15.72 -19.38
CA ILE A 245 16.63 16.00 -18.72
C ILE A 245 17.73 15.08 -19.25
N LYS A 246 18.99 15.47 -19.05
CA LYS A 246 20.13 14.61 -19.39
C LYS A 246 21.24 14.67 -18.32
N PRO A 247 21.86 13.52 -18.01
CA PRO A 247 22.86 13.43 -16.94
C PRO A 247 24.11 14.26 -17.21
N ASN A 248 24.61 14.92 -16.17
CA ASN A 248 25.81 15.76 -16.25
C ASN A 248 27.07 14.90 -16.32
N ILE A 249 27.45 14.60 -17.53
CA ILE A 249 28.39 13.57 -17.84
C ILE A 249 29.72 14.14 -18.31
N GLU A 250 29.78 15.45 -18.33
CA GLU A 250 30.90 16.19 -18.92
C GLU A 250 32.20 16.05 -18.13
N LEU A 251 32.09 15.95 -16.80
CA LEU A 251 33.25 15.72 -15.96
C LEU A 251 33.68 14.26 -16.01
N ALA A 252 32.71 13.36 -16.23
CA ALA A 252 32.97 11.92 -16.35
C ALA A 252 33.86 11.61 -17.56
N LYS A 253 33.48 12.11 -18.70
CA LYS A 253 34.27 11.96 -19.87
C LYS A 253 35.67 12.48 -19.60
N GLN A 254 35.77 13.57 -18.90
CA GLN A 254 37.08 14.04 -18.58
C GLN A 254 38.02 12.90 -18.17
N LEU A 255 37.49 11.78 -17.68
CA LEU A 255 38.36 10.62 -17.48
C LEU A 255 37.94 9.42 -18.26
N GLY A 256 37.25 9.59 -19.35
CA GLY A 256 36.98 8.39 -20.09
C GLY A 256 36.45 7.30 -19.19
N VAL A 257 35.41 7.67 -18.49
CA VAL A 257 34.59 6.76 -17.79
C VAL A 257 33.61 6.23 -18.80
N ARG A 258 33.25 4.97 -18.75
CA ARG A 258 32.34 4.42 -19.70
C ARG A 258 31.01 5.05 -19.57
N ILE A 259 30.39 5.34 -20.70
CA ILE A 259 29.09 5.94 -20.69
C ILE A 259 28.15 4.95 -21.33
N GLY A 260 27.03 4.73 -20.68
CA GLY A 260 26.10 3.71 -21.08
C GLY A 260 25.23 4.05 -22.24
N GLU A 261 24.76 2.98 -22.86
CA GLU A 261 23.87 3.01 -23.98
C GLU A 261 22.86 4.10 -23.73
N THR A 262 22.69 4.41 -22.46
CA THR A 262 21.57 5.11 -21.93
C THR A 262 21.84 6.58 -21.96
N GLY A 263 23.10 6.93 -21.79
CA GLY A 263 23.50 8.31 -21.81
C GLY A 263 24.06 8.70 -20.47
N ALA A 264 23.83 7.86 -19.49
CA ALA A 264 24.24 8.10 -18.14
C ALA A 264 25.43 7.29 -17.89
N ILE A 265 26.06 7.53 -16.77
CA ILE A 265 27.31 6.84 -16.43
C ILE A 265 27.06 5.35 -16.15
N TRP A 266 27.84 4.51 -16.82
CA TRP A 266 27.76 3.07 -16.62
C TRP A 266 28.25 2.71 -15.21
N THR A 267 27.44 1.93 -14.51
CA THR A 267 27.78 1.44 -13.17
C THR A 267 27.51 -0.05 -13.11
N ASN A 268 28.06 -0.70 -12.09
CA ASN A 268 27.75 -2.09 -11.79
C ASN A 268 26.92 -2.18 -10.51
N GLU A 269 26.70 -3.40 -10.03
CA GLU A 269 25.93 -3.62 -8.79
C GLU A 269 26.49 -2.87 -7.58
N LYS A 270 27.81 -2.74 -7.51
CA LYS A 270 28.47 -2.02 -6.41
C LYS A 270 28.51 -0.51 -6.69
N MET A 271 27.88 -0.11 -7.80
CA MET A 271 27.83 1.29 -8.25
C MET A 271 29.20 1.81 -8.70
N GLN A 272 30.13 0.88 -8.90
CA GLN A 272 31.46 1.16 -9.43
C GLN A 272 31.39 1.46 -10.91
N THR A 273 32.31 2.30 -11.39
CA THR A 273 32.39 2.62 -12.81
C THR A 273 33.51 1.81 -13.47
N SER A 274 33.75 2.09 -14.75
CA SER A 274 34.82 1.42 -15.49
C SER A 274 36.22 1.85 -15.02
N VAL A 275 36.27 2.89 -14.20
CA VAL A 275 37.54 3.39 -13.65
C VAL A 275 37.63 3.05 -12.16
N GLU A 276 38.76 2.45 -11.78
CA GLU A 276 39.03 2.01 -10.41
C GLU A 276 38.83 3.14 -9.40
N ASN A 277 38.25 2.79 -8.25
CA ASN A 277 38.01 3.73 -7.15
C ASN A 277 37.07 4.91 -7.49
N VAL A 278 36.53 4.91 -8.70
CA VAL A 278 35.56 5.92 -9.14
C VAL A 278 34.16 5.33 -9.16
N TYR A 279 33.25 5.93 -8.39
CA TYR A 279 31.87 5.47 -8.28
C TYR A 279 30.90 6.51 -8.84
N ALA A 280 29.63 6.13 -8.94
CA ALA A 280 28.57 7.03 -9.39
C ALA A 280 27.22 6.65 -8.77
N ALA A 281 26.41 7.67 -8.48
CA ALA A 281 25.12 7.47 -7.83
C ALA A 281 24.13 8.58 -8.18
N GLY A 282 22.86 8.21 -8.26
CA GLY A 282 21.79 9.19 -8.50
C GLY A 282 21.44 9.40 -9.96
N ASP A 283 21.09 10.64 -10.30
CA ASP A 283 20.58 10.99 -11.62
C ASP A 283 21.61 10.91 -12.75
N VAL A 284 22.91 10.98 -12.41
CA VAL A 284 23.98 10.78 -13.40
C VAL A 284 24.21 9.31 -13.74
N ALA A 285 23.65 8.41 -12.95
CA ALA A 285 23.99 7.00 -13.04
C ALA A 285 22.96 6.16 -13.77
N GLU A 286 23.45 5.35 -14.70
CA GLU A 286 22.66 4.30 -15.36
C GLU A 286 22.67 3.06 -14.46
N THR A 287 21.51 2.45 -14.30
CA THR A 287 21.38 1.28 -13.45
C THR A 287 20.86 0.04 -14.19
N ARG A 288 20.47 -0.97 -13.44
CA ARG A 288 19.97 -2.23 -13.98
C ARG A 288 18.50 -2.35 -13.75
N HIS A 289 17.80 -2.95 -14.69
CA HIS A 289 16.37 -3.20 -14.51
C HIS A 289 16.16 -4.58 -13.88
N VAL A 290 15.33 -4.65 -12.84
CA VAL A 290 15.12 -5.89 -12.07
C VAL A 290 14.47 -7.02 -12.87
N ILE A 291 13.45 -6.70 -13.66
CA ILE A 291 12.77 -7.71 -14.51
C ILE A 291 13.65 -8.10 -15.71
N THR A 292 13.99 -7.07 -16.49
CA THR A 292 14.55 -7.23 -17.82
C THR A 292 16.04 -7.57 -17.81
N GLY A 293 16.79 -6.97 -16.89
CA GLY A 293 18.24 -7.14 -16.85
C GLY A 293 18.98 -6.15 -17.76
N ARG A 294 18.23 -5.39 -18.50
CA ARG A 294 18.77 -4.38 -19.38
C ARG A 294 19.27 -3.22 -18.55
N ARG A 295 20.28 -2.52 -19.03
CA ARG A 295 20.69 -1.30 -18.36
C ARG A 295 19.78 -0.15 -18.75
N VAL A 296 19.40 0.64 -17.74
CA VAL A 296 18.29 1.58 -17.86
C VAL A 296 18.56 2.84 -17.02
N TRP A 297 17.95 3.95 -17.42
CA TRP A 297 18.11 5.21 -16.71
C TRP A 297 16.78 5.69 -16.13
N VAL A 298 16.72 5.73 -14.80
CA VAL A 298 15.51 6.12 -14.08
C VAL A 298 15.85 7.15 -13.00
N PRO A 299 15.86 8.44 -13.37
CA PRO A 299 16.27 9.53 -12.48
C PRO A 299 15.23 9.83 -11.40
N LEU A 300 15.22 9.02 -10.35
CA LEU A 300 14.28 9.18 -9.25
C LEU A 300 14.97 9.12 -7.88
N ALA A 301 14.30 9.68 -6.88
CA ALA A 301 14.86 9.93 -5.55
C ALA A 301 15.25 8.71 -4.71
N PRO A 302 14.31 7.75 -4.52
CA PRO A 302 14.61 6.59 -3.66
C PRO A 302 15.84 5.81 -4.11
N ALA A 303 15.96 5.58 -5.41
CA ALA A 303 17.12 4.89 -5.98
C ALA A 303 18.38 5.74 -5.81
N GLY A 304 18.25 7.03 -6.10
CA GLY A 304 19.34 8.00 -5.91
C GLY A 304 19.99 7.87 -4.55
N ASN A 305 19.17 7.85 -3.51
CA ASN A 305 19.64 7.68 -2.13
C ASN A 305 20.28 6.31 -1.90
N LYS A 306 19.60 5.25 -2.33
CA LYS A 306 20.10 3.89 -2.17
C LYS A 306 21.42 3.67 -2.90
N MET A 307 21.55 4.24 -4.10
CA MET A 307 22.79 4.18 -4.86
C MET A 307 23.95 4.81 -4.08
N GLY A 308 23.67 5.98 -3.49
CA GLY A 308 24.64 6.66 -2.63
C GLY A 308 25.02 5.82 -1.43
N TYR A 309 24.03 5.21 -0.80
CA TYR A 309 24.23 4.27 0.32
C TYR A 309 25.12 3.11 -0.10
N VAL A 310 24.82 2.51 -1.26
CA VAL A 310 25.58 1.38 -1.79
C VAL A 310 27.01 1.77 -2.15
N ALA A 311 27.16 2.92 -2.83
CA ALA A 311 28.48 3.43 -3.21
C ALA A 311 29.35 3.67 -1.99
N GLY A 312 28.79 4.35 -0.99
CA GLY A 312 29.49 4.62 0.26
C GLY A 312 30.02 3.38 0.95
N SER A 313 29.22 2.30 0.93
CA SER A 313 29.56 1.05 1.60
C SER A 313 30.77 0.34 0.99
N ASN A 314 30.80 0.27 -0.34
CA ASN A 314 31.88 -0.41 -1.06
C ASN A 314 33.21 0.32 -0.95
N ILE A 315 33.15 1.66 -0.91
CA ILE A 315 34.34 2.49 -0.65
C ILE A 315 34.91 2.18 0.74
N ALA A 316 34.02 2.04 1.72
CA ALA A 316 34.41 1.72 3.09
C ALA A 316 34.68 0.23 3.32
N GLY A 317 34.81 -0.52 2.22
CA GLY A 317 35.26 -1.90 2.27
C GLY A 317 34.30 -2.94 2.83
N LYS A 318 33.00 -2.70 2.72
CA LYS A 318 32.02 -3.75 2.97
C LYS A 318 31.06 -3.94 1.79
N GLU A 319 31.27 -5.03 1.07
CA GLU A 319 30.56 -5.34 -0.16
C GLU A 319 29.04 -5.29 0.02
N LEU A 320 28.37 -4.61 -0.90
CA LEU A 320 26.92 -4.45 -0.95
C LEU A 320 26.45 -4.37 -2.38
N HIS A 321 25.38 -5.04 -2.72
CA HIS A 321 24.87 -4.92 -4.07
C HIS A 321 23.54 -4.23 -4.20
N PHE A 322 23.44 -3.37 -5.18
CA PHE A 322 22.19 -2.73 -5.53
C PHE A 322 21.53 -3.58 -6.61
N PRO A 323 20.39 -4.23 -6.28
CA PRO A 323 19.75 -5.15 -7.22
C PRO A 323 19.28 -4.46 -8.49
N GLY A 324 18.99 -3.16 -8.38
CA GLY A 324 18.51 -2.38 -9.51
C GLY A 324 17.16 -1.75 -9.22
N VAL A 325 16.50 -1.35 -10.29
CA VAL A 325 15.29 -0.55 -10.19
C VAL A 325 14.11 -1.22 -10.93
N LEU A 326 12.89 -0.84 -10.58
CA LEU A 326 11.69 -1.42 -11.19
C LEU A 326 10.96 -0.45 -12.11
N GLY A 327 11.39 0.80 -12.10
CA GLY A 327 10.71 1.85 -12.84
C GLY A 327 9.47 2.34 -12.10
N THR A 328 9.42 2.05 -10.80
CA THR A 328 8.33 2.50 -9.95
C THR A 328 8.35 4.01 -9.84
N ALA A 329 7.24 4.64 -10.23
CA ALA A 329 7.07 6.09 -10.08
C ALA A 329 5.61 6.45 -9.87
N VAL A 330 5.38 7.61 -9.28
CA VAL A 330 4.03 8.03 -8.89
C VAL A 330 3.91 9.55 -8.95
N THR A 331 2.82 10.05 -9.54
CA THR A 331 2.48 11.48 -9.53
C THR A 331 0.98 11.73 -9.44
N LYS A 332 0.61 13.00 -9.56
CA LYS A 332 -0.73 13.45 -9.22
C LYS A 332 -1.09 14.72 -9.98
N PHE A 333 -2.28 14.74 -10.56
CA PHE A 333 -2.91 15.99 -10.96
C PHE A 333 -4.24 16.14 -10.24
N MET A 334 -4.24 17.01 -9.23
CA MET A 334 -5.41 17.24 -8.39
C MET A 334 -5.95 15.91 -7.91
N ASP A 335 -7.23 15.67 -8.18
CA ASP A 335 -7.86 14.40 -7.85
C ASP A 335 -7.27 13.11 -8.37
N VAL A 336 -6.38 13.20 -9.34
CA VAL A 336 -5.94 11.98 -9.99
C VAL A 336 -4.53 11.55 -9.69
N GLU A 337 -4.44 10.37 -9.13
CA GLU A 337 -3.19 9.69 -8.82
C GLU A 337 -2.81 8.79 -9.99
N ILE A 338 -1.56 8.91 -10.45
CA ILE A 338 -1.04 8.08 -11.53
C ILE A 338 0.19 7.36 -11.02
N GLY A 339 0.35 6.10 -11.38
CA GLY A 339 1.49 5.33 -10.91
C GLY A 339 1.70 4.00 -11.60
N LYS A 340 2.96 3.63 -11.72
CA LYS A 340 3.35 2.36 -12.32
C LYS A 340 4.47 1.70 -11.52
N THR A 341 4.66 0.41 -11.78
CA THR A 341 5.83 -0.33 -11.35
C THR A 341 6.05 -1.48 -12.33
N GLY A 342 7.27 -1.61 -12.84
CA GLY A 342 7.57 -2.64 -13.83
C GLY A 342 7.25 -2.22 -15.25
N LEU A 343 7.24 -3.19 -16.15
CA LEU A 343 7.09 -2.93 -17.57
C LEU A 343 5.68 -2.55 -18.00
N THR A 344 5.60 -1.47 -18.76
CA THR A 344 4.37 -1.06 -19.43
C THR A 344 4.11 -2.02 -20.60
N GLU A 345 2.91 -2.02 -21.17
CA GLU A 345 2.63 -2.90 -22.32
C GLU A 345 3.57 -2.60 -23.49
N MET A 346 3.78 -1.35 -23.77
CA MET A 346 4.67 -0.99 -24.82
C MET A 346 6.07 -1.50 -24.58
N GLU A 347 6.59 -1.25 -23.40
CA GLU A 347 7.94 -1.71 -23.04
C GLU A 347 8.07 -3.22 -23.16
N ALA A 348 7.16 -3.94 -22.51
CA ALA A 348 7.14 -5.41 -22.56
C ALA A 348 7.15 -5.96 -24.00
N LEU A 349 6.44 -5.27 -24.90
CA LEU A 349 6.42 -5.61 -26.32
C LEU A 349 7.80 -5.35 -26.96
N LYS A 350 8.36 -4.18 -26.69
CA LYS A 350 9.68 -3.79 -27.20
C LYS A 350 10.76 -4.81 -26.82
N GLU A 351 10.60 -5.40 -25.63
CA GLU A 351 11.53 -6.39 -25.11
C GLU A 351 11.32 -7.78 -25.72
N GLY A 352 10.22 -7.95 -26.45
CA GLY A 352 9.96 -9.19 -27.17
C GLY A 352 9.28 -10.26 -26.35
N TYR A 353 8.62 -9.84 -25.27
CA TYR A 353 7.81 -10.75 -24.46
C TYR A 353 6.53 -11.12 -25.21
N ASP A 354 6.02 -12.31 -24.91
CA ASP A 354 4.65 -12.69 -25.28
C ASP A 354 3.74 -12.32 -24.12
N VAL A 355 2.86 -11.34 -24.34
CA VAL A 355 2.06 -10.77 -23.25
C VAL A 355 0.54 -10.90 -23.39
N ARG A 356 -0.12 -11.05 -22.25
CA ARG A 356 -1.56 -10.76 -22.15
C ARG A 356 -1.74 -9.64 -21.14
N THR A 357 -2.83 -8.88 -21.30
CA THR A 357 -3.10 -7.73 -20.44
C THR A 357 -4.53 -7.76 -19.92
N ALA A 358 -4.81 -6.87 -18.97
CA ALA A 358 -6.15 -6.65 -18.44
C ALA A 358 -6.27 -5.24 -17.91
N PHE A 359 -7.40 -4.61 -18.19
CA PHE A 359 -7.68 -3.26 -17.71
C PHE A 359 -9.04 -3.25 -17.02
N ILE A 360 -9.02 -3.06 -15.71
CA ILE A 360 -10.23 -3.14 -14.89
C ILE A 360 -10.50 -1.86 -14.14
N LYS A 361 -11.74 -1.65 -13.74
CA LYS A 361 -12.08 -0.56 -12.87
C LYS A 361 -12.57 -1.17 -11.60
N ALA A 362 -12.24 -0.57 -10.49
CA ALA A 362 -12.79 -1.03 -9.26
C ALA A 362 -13.15 0.08 -8.34
N SER A 363 -13.61 -0.27 -7.18
CA SER A 363 -13.81 0.69 -6.15
C SER A 363 -12.81 0.65 -5.02
N THR A 364 -12.72 1.77 -4.37
CA THR A 364 -11.68 2.06 -3.45
C THR A 364 -12.14 1.76 -2.07
N ARG A 365 -13.39 1.41 -1.95
CA ARG A 365 -14.00 1.07 -0.69
C ARG A 365 -15.13 0.08 -0.88
N PRO A 366 -15.60 -0.59 0.16
CA PRO A 366 -16.72 -1.51 -0.01
C PRO A 366 -18.02 -0.78 -0.34
N HIS A 367 -18.96 -1.50 -0.95
CA HIS A 367 -20.19 -0.91 -1.49
C HIS A 367 -21.09 -0.28 -0.42
N TYR A 368 -20.72 -0.44 0.86
CA TYR A 368 -21.48 0.14 1.97
C TYR A 368 -20.80 1.36 2.60
N TYR A 369 -19.59 1.18 3.12
CA TYR A 369 -18.82 2.28 3.71
C TYR A 369 -18.61 3.41 2.68
N PRO A 370 -18.92 4.66 3.06
CA PRO A 370 -18.97 5.77 2.10
C PRO A 370 -17.60 6.35 1.76
N GLY A 371 -17.57 7.24 0.77
CA GLY A 371 -16.34 7.87 0.30
C GLY A 371 -15.62 7.03 -0.75
N GLY A 372 -16.30 6.00 -1.24
CA GLY A 372 -15.77 5.13 -2.28
C GLY A 372 -15.56 5.85 -3.59
N ARG A 373 -14.31 5.86 -4.04
CA ARG A 373 -13.94 6.51 -5.30
C ARG A 373 -13.45 5.47 -6.31
N GLU A 374 -13.16 5.92 -7.53
CA GLU A 374 -12.80 5.03 -8.63
C GLU A 374 -11.30 4.75 -8.70
N ILE A 375 -10.96 3.53 -9.08
CA ILE A 375 -9.57 3.14 -9.32
C ILE A 375 -9.46 2.19 -10.51
N TRP A 376 -8.60 2.53 -11.47
CA TRP A 376 -8.33 1.69 -12.63
C TRP A 376 -6.96 1.04 -12.52
N LEU A 377 -6.86 -0.19 -13.00
CA LEU A 377 -5.60 -0.94 -12.97
C LEU A 377 -5.37 -1.68 -14.28
N LYS A 378 -4.20 -1.46 -14.87
CA LYS A 378 -3.75 -2.27 -16.00
C LYS A 378 -2.57 -3.12 -15.58
N GLY A 379 -2.65 -4.41 -15.91
CA GLY A 379 -1.58 -5.35 -15.61
C GLY A 379 -1.00 -5.96 -16.87
N VAL A 380 0.30 -6.23 -16.83
CA VAL A 380 1.00 -6.87 -17.95
C VAL A 380 1.66 -8.15 -17.44
N VAL A 381 1.43 -9.25 -18.16
CA VAL A 381 1.88 -10.59 -17.76
C VAL A 381 2.58 -11.30 -18.92
N ASP A 382 3.63 -12.06 -18.60
CA ASP A 382 4.33 -12.90 -19.58
C ASP A 382 3.58 -14.24 -19.73
N ASN A 383 3.07 -14.49 -20.93
CA ASN A 383 2.27 -15.68 -21.25
C ASN A 383 2.95 -17.02 -20.98
N GLU A 384 4.29 -17.02 -21.01
CA GLU A 384 5.07 -18.26 -20.85
C GLU A 384 5.28 -18.67 -19.40
N THR A 385 5.48 -17.67 -18.54
CA THR A 385 5.88 -17.91 -17.15
C THR A 385 4.77 -17.62 -16.14
N ASN A 386 3.77 -16.85 -16.57
CA ASN A 386 2.69 -16.37 -15.69
C ASN A 386 3.11 -15.26 -14.72
N ARG A 387 4.38 -14.88 -14.76
CA ARG A 387 4.92 -13.83 -13.89
C ARG A 387 4.38 -12.48 -14.32
N LEU A 388 4.15 -11.59 -13.35
CA LEU A 388 3.79 -10.21 -13.63
C LEU A 388 4.99 -9.48 -14.22
N LEU A 389 4.74 -8.65 -15.23
CA LEU A 389 5.79 -7.83 -15.82
C LEU A 389 5.64 -6.37 -15.42
N GLY A 390 4.41 -5.98 -15.07
CA GLY A 390 4.15 -4.61 -14.65
C GLY A 390 2.70 -4.30 -14.34
N VAL A 391 2.50 -3.30 -13.47
CA VAL A 391 1.18 -2.85 -13.08
C VAL A 391 1.13 -1.32 -13.15
N GLN A 392 0.05 -0.80 -13.75
CA GLN A 392 -0.22 0.64 -13.75
C GLN A 392 -1.54 0.90 -13.03
N VAL A 393 -1.57 1.91 -12.18
CA VAL A 393 -2.77 2.26 -11.43
C VAL A 393 -3.12 3.74 -11.53
N VAL A 394 -4.40 4.03 -11.67
CA VAL A 394 -4.89 5.41 -11.79
C VAL A 394 -6.21 5.59 -11.03
N GLY A 395 -6.40 6.78 -10.46
CA GLY A 395 -7.61 7.11 -9.71
C GLY A 395 -7.33 7.59 -8.31
N SER A 396 -7.92 6.93 -7.33
CA SER A 396 -7.74 7.27 -5.92
C SER A 396 -7.14 6.10 -5.14
N ASP A 397 -6.33 6.38 -4.14
CA ASP A 397 -5.79 5.34 -3.26
C ASP A 397 -4.99 4.29 -3.99
N ILE A 398 -3.99 4.71 -4.74
CA ILE A 398 -3.26 3.78 -5.59
C ILE A 398 -1.93 3.33 -4.99
N LEU A 399 -1.52 3.98 -3.90
CA LEU A 399 -0.22 3.70 -3.28
C LEU A 399 -0.09 2.26 -2.75
N PRO A 400 -1.08 1.79 -1.95
CA PRO A 400 -0.97 0.41 -1.48
C PRO A 400 -0.79 -0.57 -2.63
N ARG A 401 -1.52 -0.34 -3.73
CA ARG A 401 -1.46 -1.19 -4.92
C ARG A 401 -0.07 -1.18 -5.57
N ILE A 402 0.41 0.01 -5.92
CA ILE A 402 1.70 0.17 -6.60
C ILE A 402 2.87 -0.35 -5.76
N ASP A 403 2.92 0.07 -4.51
CA ASP A 403 3.97 -0.39 -3.59
C ASP A 403 3.93 -1.90 -3.39
N THR A 404 2.74 -2.44 -3.27
CA THR A 404 2.57 -3.83 -3.05
C THR A 404 3.01 -4.61 -4.24
N ALA A 405 2.59 -4.18 -5.41
CA ALA A 405 2.98 -4.80 -6.68
C ALA A 405 4.49 -4.71 -6.92
N ALA A 406 5.10 -3.64 -6.44
CA ALA A 406 6.55 -3.46 -6.54
C ALA A 406 7.32 -4.53 -5.75
N ALA A 407 6.83 -4.86 -4.56
CA ALA A 407 7.39 -5.95 -3.77
C ALA A 407 7.23 -7.26 -4.53
N MET A 408 6.00 -7.53 -4.98
CA MET A 408 5.68 -8.73 -5.74
C MET A 408 6.54 -8.89 -7.00
N LEU A 409 6.88 -7.79 -7.64
CA LEU A 409 7.70 -7.86 -8.82
C LEU A 409 9.13 -8.09 -8.50
N MET A 410 9.64 -7.39 -7.53
CA MET A 410 10.97 -7.61 -7.01
C MET A 410 11.25 -9.07 -6.82
N ALA A 411 10.23 -9.76 -6.38
CA ALA A 411 10.29 -11.18 -6.01
C ALA A 411 9.89 -12.11 -7.14
N GLY A 412 9.31 -11.54 -8.21
CA GLY A 412 8.88 -12.32 -9.36
C GLY A 412 7.63 -13.15 -9.12
N PHE A 413 6.65 -12.55 -8.43
CA PHE A 413 5.36 -13.18 -8.16
C PHE A 413 4.64 -13.55 -9.44
N THR A 414 3.86 -14.64 -9.38
CA THR A 414 2.95 -14.96 -10.47
C THR A 414 1.58 -14.36 -10.19
N THR A 415 0.72 -14.40 -11.22
CA THR A 415 -0.67 -13.98 -11.11
C THR A 415 -1.38 -14.73 -9.98
N LYS A 416 -1.07 -16.02 -9.84
CA LYS A 416 -1.61 -16.87 -8.77
C LYS A 416 -1.01 -16.52 -7.40
N ASP A 417 0.30 -16.27 -7.35
CA ASP A 417 0.98 -15.88 -6.12
C ASP A 417 0.35 -14.62 -5.52
N ALA A 418 0.10 -13.64 -6.40
CA ALA A 418 -0.56 -12.38 -6.03
C ALA A 418 -1.96 -12.60 -5.48
N PHE A 419 -2.72 -13.46 -6.15
CA PHE A 419 -4.10 -13.75 -5.77
C PHE A 419 -4.26 -14.27 -4.34
N PHE A 420 -3.33 -15.12 -3.92
CA PHE A 420 -3.40 -15.75 -2.60
C PHE A 420 -2.56 -15.05 -1.54
N THR A 421 -1.90 -13.96 -1.92
CA THR A 421 -1.20 -13.11 -0.97
C THR A 421 -2.23 -12.53 0.00
N ASP A 422 -1.90 -12.58 1.29
CA ASP A 422 -2.81 -12.14 2.33
C ASP A 422 -2.79 -10.62 2.50
N LEU A 423 -3.51 -9.92 1.62
CA LEU A 423 -3.67 -8.46 1.71
C LEU A 423 -4.85 -8.11 2.62
N ALA A 424 -4.75 -6.97 3.30
CA ALA A 424 -5.68 -6.59 4.36
C ALA A 424 -7.06 -6.10 3.88
N TYR A 425 -8.08 -6.36 4.69
CA TYR A 425 -9.41 -5.79 4.47
C TYR A 425 -10.10 -5.29 5.74
N ALA A 426 -10.48 -4.02 5.70
CA ALA A 426 -11.49 -3.45 6.59
C ALA A 426 -12.27 -2.41 5.79
N PRO A 427 -13.56 -2.24 6.09
CA PRO A 427 -14.41 -1.30 5.33
C PRO A 427 -13.90 0.14 5.16
N PRO A 428 -13.19 0.71 6.17
CA PRO A 428 -12.69 2.06 5.91
C PRO A 428 -11.40 2.11 5.09
N PHE A 429 -10.94 0.94 4.61
CA PHE A 429 -9.63 0.84 3.98
C PHE A 429 -9.68 0.45 2.51
N ALA A 430 -10.45 -0.60 2.20
CA ALA A 430 -10.49 -1.18 0.86
C ALA A 430 -11.74 -2.03 0.71
N PRO A 431 -12.07 -2.45 -0.53
CA PRO A 431 -13.14 -3.43 -0.68
C PRO A 431 -12.68 -4.84 -0.28
N VAL A 432 -13.63 -5.74 -0.03
CA VAL A 432 -13.35 -7.13 0.32
C VAL A 432 -12.29 -7.74 -0.61
N TRP A 433 -12.59 -7.75 -1.90
CA TRP A 433 -11.63 -8.16 -2.93
C TRP A 433 -10.77 -6.94 -3.29
N ASP A 434 -9.52 -6.94 -2.84
CA ASP A 434 -8.62 -5.81 -3.11
C ASP A 434 -8.35 -5.69 -4.62
N PRO A 435 -8.46 -4.47 -5.17
CA PRO A 435 -8.28 -4.21 -6.59
C PRO A 435 -7.09 -4.93 -7.22
N LEU A 436 -5.97 -5.00 -6.49
CA LEU A 436 -4.78 -5.69 -6.95
C LEU A 436 -5.02 -7.19 -7.15
N ILE A 437 -5.71 -7.82 -6.19
CA ILE A 437 -6.05 -9.24 -6.30
C ILE A 437 -7.18 -9.50 -7.30
N VAL A 438 -8.01 -8.48 -7.51
CA VAL A 438 -9.03 -8.52 -8.56
C VAL A 438 -8.35 -8.54 -9.92
N LEU A 439 -7.47 -7.57 -10.15
CA LEU A 439 -6.66 -7.48 -11.37
C LEU A 439 -6.02 -8.83 -11.67
N ALA A 440 -5.33 -9.37 -10.66
CA ALA A 440 -4.57 -10.62 -10.78
C ALA A 440 -5.46 -11.82 -11.09
N ARG A 441 -6.74 -11.74 -10.74
CA ARG A 441 -7.70 -12.80 -11.03
C ARG A 441 -8.23 -12.68 -12.45
N VAL A 442 -8.44 -11.45 -12.91
CA VAL A 442 -8.95 -11.22 -14.25
C VAL A 442 -7.96 -11.70 -15.32
N LEU A 443 -6.69 -11.73 -14.95
CA LEU A 443 -5.64 -12.17 -15.86
C LEU A 443 -5.66 -13.70 -16.02
N LYS A 444 -5.88 -14.40 -14.95
CA LYS A 444 -5.94 -15.82 -15.11
C LYS A 444 -4.59 -16.44 -14.97
N PHE A 445 -4.59 -17.72 -14.64
CA PHE A 445 -3.42 -18.50 -14.49
C PHE A 445 -3.50 -19.64 -15.46
N LEU A 446 -2.76 -19.52 -16.53
CA LEU A 446 -2.83 -20.46 -17.61
C LEU A 446 -1.74 -21.43 -17.42
N GLU A 447 -1.96 -22.69 -17.75
CA GLU A 447 -0.88 -23.64 -17.65
C GLU A 447 -1.03 -24.72 -18.69
N HIS A 448 -0.05 -24.87 -19.57
CA HIS A 448 -0.18 -25.86 -20.62
C HIS A 448 -0.42 -27.25 -20.05
N MET B 5 -20.45 -36.92 -14.03
CA MET B 5 -21.78 -36.90 -14.62
C MET B 5 -22.45 -35.57 -14.34
N LYS B 6 -23.54 -35.60 -13.61
CA LYS B 6 -24.17 -34.39 -13.14
C LYS B 6 -24.32 -34.54 -11.67
N LYS B 7 -23.27 -34.19 -10.94
CA LYS B 7 -23.25 -34.32 -9.49
C LYS B 7 -24.11 -33.36 -8.70
N LYS B 8 -24.43 -33.75 -7.49
CA LYS B 8 -25.13 -32.87 -6.55
C LYS B 8 -24.15 -32.28 -5.55
N VAL B 9 -24.08 -30.96 -5.53
CA VAL B 9 -23.19 -30.23 -4.62
C VAL B 9 -24.02 -29.41 -3.63
N VAL B 10 -23.84 -29.69 -2.33
CA VAL B 10 -24.58 -29.00 -1.27
C VAL B 10 -23.64 -28.18 -0.40
N ILE B 11 -24.00 -26.90 -0.22
CA ILE B 11 -23.20 -25.97 0.58
C ILE B 11 -24.00 -25.39 1.74
N ILE B 12 -23.57 -25.71 2.96
CA ILE B 12 -24.19 -25.17 4.16
C ILE B 12 -23.58 -23.82 4.48
N GLY B 13 -24.34 -22.75 4.26
CA GLY B 13 -23.88 -21.39 4.52
C GLY B 13 -23.91 -20.49 3.30
N GLY B 14 -24.55 -19.34 3.44
CA GLY B 14 -24.71 -18.39 2.33
C GLY B 14 -23.91 -17.11 2.49
N GLY B 15 -22.82 -17.18 3.26
CA GLY B 15 -21.91 -16.04 3.42
C GLY B 15 -20.91 -15.96 2.28
N ALA B 16 -19.83 -15.21 2.50
CA ALA B 16 -18.77 -15.03 1.50
C ALA B 16 -18.19 -16.36 1.02
N ALA B 17 -17.85 -17.23 1.99
CA ALA B 17 -17.22 -18.52 1.71
C ALA B 17 -18.11 -19.44 0.89
N GLY B 18 -19.38 -19.54 1.27
CA GLY B 18 -20.34 -20.40 0.59
C GLY B 18 -20.65 -19.96 -0.82
N MET B 19 -20.87 -18.66 -1.00
CA MET B 19 -21.21 -18.12 -2.31
C MET B 19 -20.03 -18.15 -3.28
N SER B 20 -18.82 -17.95 -2.76
CA SER B 20 -17.59 -18.10 -3.54
C SER B 20 -17.43 -19.52 -4.07
N ALA B 21 -17.73 -20.49 -3.20
CA ALA B 21 -17.65 -21.91 -3.56
C ALA B 21 -18.72 -22.30 -4.59
N ALA B 22 -19.97 -21.93 -4.30
CA ALA B 22 -21.10 -22.19 -5.19
C ALA B 22 -20.89 -21.60 -6.58
N SER B 23 -20.44 -20.35 -6.62
CA SER B 23 -20.12 -19.66 -7.88
C SER B 23 -19.03 -20.38 -8.65
N ARG B 24 -17.98 -20.77 -7.94
CA ARG B 24 -16.83 -21.46 -8.55
C ARG B 24 -17.25 -22.79 -9.18
N VAL B 25 -17.99 -23.60 -8.42
CA VAL B 25 -18.43 -24.92 -8.88
C VAL B 25 -19.31 -24.80 -10.14
N LYS B 26 -20.37 -24.01 -10.04
CA LYS B 26 -21.27 -23.76 -11.17
C LYS B 26 -20.56 -23.16 -12.38
N ARG B 27 -19.53 -22.35 -12.12
CA ARG B 27 -18.76 -21.71 -13.19
C ARG B 27 -17.90 -22.73 -13.94
N LEU B 28 -17.44 -23.76 -13.23
CA LEU B 28 -16.61 -24.80 -13.81
C LEU B 28 -17.42 -26.00 -14.30
N LYS B 29 -18.58 -26.17 -13.71
CA LYS B 29 -19.45 -27.26 -14.06
C LYS B 29 -20.89 -26.88 -14.13
N PRO B 30 -21.30 -26.27 -15.21
CA PRO B 30 -22.64 -25.69 -15.37
C PRO B 30 -23.76 -26.74 -15.42
N GLU B 31 -23.41 -27.99 -15.69
CA GLU B 31 -24.39 -29.08 -15.78
C GLU B 31 -24.65 -29.76 -14.41
N TRP B 32 -24.10 -29.18 -13.35
CA TRP B 32 -24.18 -29.75 -12.01
C TRP B 32 -25.26 -29.09 -11.14
N ASP B 33 -25.78 -29.85 -10.19
CA ASP B 33 -26.79 -29.37 -9.25
C ASP B 33 -26.13 -28.81 -8.00
N VAL B 34 -26.18 -27.48 -7.87
CA VAL B 34 -25.54 -26.78 -6.75
C VAL B 34 -26.54 -26.06 -5.87
N LYS B 35 -26.64 -26.48 -4.61
CA LYS B 35 -27.60 -25.93 -3.66
C LYS B 35 -26.90 -25.21 -2.50
N VAL B 36 -27.41 -24.03 -2.14
CA VAL B 36 -26.96 -23.32 -0.96
C VAL B 36 -28.12 -23.17 0.03
N PHE B 37 -27.89 -23.61 1.25
CA PHE B 37 -28.88 -23.50 2.31
C PHE B 37 -28.42 -22.48 3.35
N GLU B 38 -29.12 -21.35 3.40
CA GLU B 38 -28.79 -20.28 4.34
C GLU B 38 -29.92 -20.09 5.35
N ALA B 39 -29.57 -20.15 6.63
CA ALA B 39 -30.53 -20.07 7.72
C ALA B 39 -31.31 -18.76 7.72
N THR B 40 -30.62 -17.65 7.46
CA THR B 40 -31.24 -16.33 7.47
C THR B 40 -31.86 -15.96 6.13
N GLU B 41 -32.18 -14.68 5.97
CA GLU B 41 -32.75 -14.13 4.74
C GLU B 41 -31.65 -13.48 3.90
N TRP B 42 -30.45 -13.39 4.48
CA TRP B 42 -29.32 -12.71 3.86
C TRP B 42 -28.39 -13.65 3.10
N VAL B 43 -28.12 -13.31 1.84
CA VAL B 43 -27.11 -13.99 1.04
C VAL B 43 -26.02 -12.99 0.73
N SER B 44 -24.80 -13.49 0.49
CA SER B 44 -23.68 -12.65 0.03
C SER B 44 -23.53 -11.40 0.88
N HIS B 45 -23.64 -11.58 2.19
CA HIS B 45 -23.73 -10.47 3.12
C HIS B 45 -22.37 -10.12 3.75
N ALA B 46 -22.31 -8.92 4.32
CA ALA B 46 -21.10 -8.45 4.98
C ALA B 46 -21.34 -8.16 6.46
N PRO B 47 -20.99 -9.11 7.34
CA PRO B 47 -21.01 -8.87 8.79
C PRO B 47 -20.01 -7.78 9.19
N CYS B 48 -19.11 -7.44 8.27
CA CYS B 48 -18.10 -6.41 8.47
C CYS B 48 -18.71 -5.02 8.43
N GLY B 49 -19.91 -4.91 7.88
CA GLY B 49 -20.62 -3.64 7.78
C GLY B 49 -21.63 -3.39 8.89
N ILE B 50 -21.73 -4.33 9.83
CA ILE B 50 -22.63 -4.18 10.98
C ILE B 50 -22.33 -2.93 11.82
N PRO B 51 -21.03 -2.69 12.14
CA PRO B 51 -20.74 -1.48 12.94
C PRO B 51 -21.09 -0.19 12.21
N TYR B 52 -20.92 -0.17 10.89
CA TYR B 52 -21.09 1.05 10.11
C TYR B 52 -22.56 1.31 9.74
N VAL B 53 -23.36 0.24 9.69
CA VAL B 53 -24.81 0.37 9.53
C VAL B 53 -25.45 0.82 10.85
N VAL B 54 -24.93 0.30 11.96
CA VAL B 54 -25.37 0.70 13.31
C VAL B 54 -25.14 2.19 13.56
N GLU B 55 -23.97 2.68 13.14
CA GLU B 55 -23.63 4.10 13.23
C GLU B 55 -24.59 4.97 12.41
N GLY B 56 -25.31 4.34 11.48
CA GLY B 56 -26.21 5.05 10.57
C GLY B 56 -25.48 5.59 9.34
N LEU B 57 -24.25 5.16 9.15
CA LEU B 57 -23.42 5.62 8.06
C LEU B 57 -23.72 4.87 6.77
N SER B 58 -24.71 4.01 6.78
CA SER B 58 -24.96 3.16 5.64
C SER B 58 -26.28 2.49 5.85
N THR B 59 -26.97 2.17 4.77
CA THR B 59 -28.21 1.45 4.91
C THR B 59 -27.96 -0.03 4.96
N PRO B 60 -28.91 -0.76 5.49
CA PRO B 60 -28.76 -2.19 5.62
C PRO B 60 -28.77 -2.87 4.29
N ASP B 61 -29.57 -2.46 3.36
CA ASP B 61 -29.55 -3.18 2.13
C ASP B 61 -28.18 -3.16 1.50
N LYS B 62 -27.29 -2.33 2.03
CA LYS B 62 -25.92 -2.17 1.53
C LYS B 62 -24.99 -3.29 1.97
N LEU B 63 -25.45 -4.14 2.88
CA LEU B 63 -24.68 -5.27 3.38
C LEU B 63 -24.58 -6.42 2.37
N MET B 64 -25.52 -6.47 1.43
CA MET B 64 -25.53 -7.50 0.40
C MET B 64 -24.72 -7.10 -0.83
N TYR B 65 -23.84 -8.00 -1.27
CA TYR B 65 -23.01 -7.78 -2.44
C TYR B 65 -23.84 -7.97 -3.71
N TYR B 66 -24.50 -9.12 -3.80
CA TYR B 66 -25.46 -9.41 -4.87
C TYR B 66 -26.82 -9.76 -4.28
N PRO B 67 -27.91 -9.30 -4.93
CA PRO B 67 -29.24 -9.83 -4.61
C PRO B 67 -29.33 -11.31 -5.00
N PRO B 68 -30.11 -12.11 -4.25
CA PRO B 68 -30.21 -13.56 -4.51
C PRO B 68 -30.66 -13.91 -5.92
N GLU B 69 -31.24 -12.93 -6.63
CA GLU B 69 -31.69 -13.09 -8.01
C GLU B 69 -30.52 -13.42 -8.94
N VAL B 70 -29.36 -12.81 -8.65
CA VAL B 70 -28.14 -13.02 -9.43
C VAL B 70 -27.65 -14.46 -9.34
N PHE B 71 -27.60 -14.99 -8.12
CA PHE B 71 -27.14 -16.36 -7.89
C PHE B 71 -28.07 -17.40 -8.52
N ILE B 72 -29.38 -17.16 -8.45
CA ILE B 72 -30.38 -18.07 -8.98
C ILE B 72 -30.52 -17.95 -10.50
N LYS B 73 -30.90 -16.76 -10.97
CA LYS B 73 -31.18 -16.54 -12.39
C LYS B 73 -29.93 -16.36 -13.25
N LYS B 74 -29.03 -15.48 -12.80
CA LYS B 74 -27.85 -15.12 -13.60
C LYS B 74 -26.72 -16.15 -13.49
N ARG B 75 -26.70 -16.94 -12.41
CA ARG B 75 -25.61 -17.91 -12.19
C ARG B 75 -26.01 -19.38 -12.10
N GLY B 76 -27.27 -19.65 -11.73
CA GLY B 76 -27.80 -21.01 -11.74
C GLY B 76 -27.73 -21.78 -10.42
N ILE B 77 -27.39 -21.07 -9.34
CA ILE B 77 -27.32 -21.68 -8.01
C ILE B 77 -28.73 -21.88 -7.44
N ASP B 78 -29.04 -23.11 -7.06
CA ASP B 78 -30.30 -23.42 -6.38
C ASP B 78 -30.23 -22.94 -4.93
N LEU B 79 -30.40 -21.63 -4.77
CA LEU B 79 -30.32 -20.98 -3.46
C LEU B 79 -31.60 -21.20 -2.68
N HIS B 80 -31.45 -21.70 -1.45
CA HIS B 80 -32.56 -21.86 -0.53
C HIS B 80 -32.38 -20.92 0.65
N LEU B 81 -33.14 -19.83 0.66
CA LEU B 81 -33.12 -18.89 1.79
C LEU B 81 -34.02 -19.39 2.92
N ASN B 82 -33.76 -18.87 4.11
CA ASN B 82 -34.52 -19.22 5.28
C ASN B 82 -34.63 -20.69 5.47
N ALA B 83 -33.52 -21.36 5.27
CA ALA B 83 -33.42 -22.82 5.34
C ALA B 83 -32.25 -23.25 6.21
N GLU B 84 -32.55 -23.99 7.28
CA GLU B 84 -31.53 -24.40 8.25
C GLU B 84 -31.21 -25.89 8.19
N VAL B 85 -29.93 -26.19 8.00
CA VAL B 85 -29.42 -27.56 8.05
C VAL B 85 -29.40 -28.02 9.52
N ILE B 86 -30.10 -29.13 9.78
CA ILE B 86 -30.29 -29.62 11.15
C ILE B 86 -29.46 -30.87 11.46
N GLU B 87 -29.42 -31.81 10.51
CA GLU B 87 -28.53 -32.97 10.61
C GLU B 87 -27.76 -33.25 9.32
N VAL B 88 -26.56 -33.79 9.49
CA VAL B 88 -25.72 -34.18 8.36
C VAL B 88 -25.27 -35.64 8.53
N ASP B 89 -25.45 -36.42 7.46
CA ASP B 89 -24.94 -37.77 7.37
C ASP B 89 -24.39 -38.05 6.02
N THR B 90 -23.53 -39.03 5.93
CA THR B 90 -22.82 -39.29 4.68
C THR B 90 -23.83 -39.52 3.56
N GLY B 91 -23.91 -38.56 2.64
CA GLY B 91 -24.83 -38.64 1.51
C GLY B 91 -26.09 -37.81 1.62
N TYR B 92 -26.46 -37.40 2.84
CA TYR B 92 -27.73 -36.69 3.08
C TYR B 92 -27.61 -35.45 3.97
N VAL B 93 -28.55 -34.52 3.78
CA VAL B 93 -28.66 -33.31 4.61
C VAL B 93 -30.13 -33.03 4.92
N ARG B 94 -30.45 -32.87 6.20
CA ARG B 94 -31.81 -32.54 6.64
C ARG B 94 -31.98 -31.03 6.81
N VAL B 95 -32.96 -30.47 6.10
CA VAL B 95 -33.19 -29.02 6.09
C VAL B 95 -34.61 -28.64 6.53
N ARG B 96 -34.71 -27.58 7.32
CA ARG B 96 -35.98 -27.01 7.74
C ARG B 96 -36.22 -25.68 7.04
N GLU B 97 -37.28 -25.57 6.26
CA GLU B 97 -37.51 -24.35 5.52
C GLU B 97 -38.90 -23.78 5.71
N ASN B 98 -39.87 -24.34 4.99
CA ASN B 98 -41.25 -23.86 5.07
C ASN B 98 -41.98 -24.43 6.27
N GLY B 99 -41.35 -24.36 7.44
CA GLY B 99 -41.94 -24.87 8.66
C GLY B 99 -41.70 -26.35 8.86
N GLY B 100 -41.39 -27.04 7.76
CA GLY B 100 -41.15 -28.45 7.82
C GLY B 100 -39.78 -28.81 7.34
N GLU B 101 -39.51 -30.10 7.42
CA GLU B 101 -38.25 -30.72 7.12
C GLU B 101 -38.27 -31.49 5.81
N LYS B 102 -37.11 -31.71 5.24
CA LYS B 102 -36.99 -32.35 3.95
C LYS B 102 -35.61 -32.96 3.83
N SER B 103 -35.35 -33.74 2.79
CA SER B 103 -34.04 -34.39 2.69
C SER B 103 -33.39 -34.20 1.32
N TYR B 104 -32.08 -33.99 1.31
CA TYR B 104 -31.33 -33.76 0.08
C TYR B 104 -30.07 -34.63 0.00
N GLU B 105 -29.85 -35.21 -1.18
CA GLU B 105 -28.64 -35.98 -1.44
C GLU B 105 -27.50 -35.06 -1.87
N TRP B 106 -26.30 -35.33 -1.35
CA TRP B 106 -25.10 -34.64 -1.81
C TRP B 106 -24.01 -35.60 -2.24
N ASP B 107 -23.25 -35.21 -3.25
CA ASP B 107 -22.05 -35.92 -3.66
C ASP B 107 -20.82 -35.19 -3.13
N TYR B 108 -20.93 -33.86 -3.06
CA TYR B 108 -19.92 -33.01 -2.45
C TYR B 108 -20.57 -32.08 -1.43
N LEU B 109 -19.91 -31.90 -0.29
CA LEU B 109 -20.44 -31.06 0.78
C LEU B 109 -19.42 -30.01 1.25
N VAL B 110 -19.91 -28.80 1.47
CA VAL B 110 -19.07 -27.70 1.94
C VAL B 110 -19.62 -27.11 3.25
N PHE B 111 -18.78 -27.06 4.26
CA PHE B 111 -19.11 -26.35 5.49
C PHE B 111 -18.66 -24.90 5.36
N ALA B 112 -19.64 -24.00 5.23
CA ALA B 112 -19.39 -22.57 5.17
C ALA B 112 -20.34 -21.84 6.12
N ASN B 113 -20.64 -22.50 7.23
CA ASN B 113 -21.62 -22.01 8.21
C ASN B 113 -21.04 -21.08 9.28
N GLY B 114 -19.79 -20.66 9.08
CA GLY B 114 -19.17 -19.58 9.85
C GLY B 114 -19.01 -19.76 11.35
N ALA B 115 -18.81 -18.64 12.04
CA ALA B 115 -18.61 -18.62 13.48
C ALA B 115 -19.58 -17.66 14.17
N SER B 116 -20.02 -18.04 15.37
CA SER B 116 -20.98 -17.24 16.14
C SER B 116 -20.38 -16.83 17.49
N PRO B 117 -20.88 -15.72 18.08
CA PRO B 117 -20.29 -15.17 19.31
C PRO B 117 -20.35 -16.11 20.51
N GLN B 118 -19.29 -16.13 21.29
CA GLN B 118 -19.22 -16.91 22.52
C GLN B 118 -20.23 -16.35 23.52
N VAL B 119 -21.09 -17.22 24.03
CA VAL B 119 -22.09 -16.81 25.02
C VAL B 119 -21.52 -16.91 26.44
N PRO B 120 -21.32 -15.74 27.10
CA PRO B 120 -20.66 -15.69 28.41
C PRO B 120 -21.56 -16.10 29.58
N ALA B 121 -20.93 -16.60 30.64
CA ALA B 121 -21.64 -17.21 31.77
C ALA B 121 -22.29 -16.21 32.75
N ILE B 122 -22.32 -14.93 32.38
CA ILE B 122 -22.93 -13.89 33.20
C ILE B 122 -24.45 -14.05 33.32
N GLU B 123 -25.00 -13.62 34.45
CA GLU B 123 -26.44 -13.67 34.69
C GLU B 123 -27.10 -12.40 34.19
N GLY B 124 -28.06 -12.56 33.28
CA GLY B 124 -28.77 -11.43 32.67
C GLY B 124 -28.37 -11.15 31.23
N VAL B 125 -27.89 -12.19 30.55
CA VAL B 125 -27.44 -12.09 29.16
C VAL B 125 -28.62 -12.07 28.18
N ASN B 126 -29.79 -12.42 28.69
CA ASN B 126 -30.94 -12.57 27.84
C ASN B 126 -32.02 -11.53 27.99
N LEU B 127 -31.68 -10.46 28.67
CA LEU B 127 -32.56 -9.36 28.86
C LEU B 127 -32.67 -8.80 27.50
N LYS B 128 -33.62 -7.92 27.29
CA LYS B 128 -33.73 -7.26 26.04
C LYS B 128 -32.81 -6.13 26.23
N GLY B 129 -32.19 -5.66 25.17
CA GLY B 129 -31.26 -4.55 25.26
C GLY B 129 -29.83 -5.01 25.17
N VAL B 130 -29.66 -6.30 25.28
CA VAL B 130 -28.36 -6.96 25.14
C VAL B 130 -28.30 -7.61 23.76
N PHE B 131 -27.26 -7.28 23.00
CA PHE B 131 -27.12 -7.75 21.62
C PHE B 131 -25.73 -8.28 21.31
N THR B 132 -25.68 -9.23 20.38
CA THR B 132 -24.43 -9.69 19.78
C THR B 132 -24.31 -9.06 18.40
N ALA B 133 -23.10 -8.66 18.01
CA ALA B 133 -22.88 -8.06 16.70
C ALA B 133 -22.16 -9.04 15.76
N ASP B 134 -22.92 -9.98 15.19
CA ASP B 134 -22.32 -11.07 14.43
C ASP B 134 -22.87 -11.25 13.02
N LEU B 135 -24.20 -11.26 12.89
CA LEU B 135 -24.85 -11.40 11.58
C LEU B 135 -25.74 -10.19 11.29
N PRO B 136 -26.10 -9.97 9.99
CA PRO B 136 -26.91 -8.80 9.63
C PRO B 136 -28.25 -8.62 10.39
N PRO B 137 -28.98 -9.72 10.71
CA PRO B 137 -30.18 -9.54 11.54
C PRO B 137 -29.93 -8.80 12.86
N ASP B 138 -28.72 -8.89 13.39
CA ASP B 138 -28.32 -8.19 14.61
C ASP B 138 -28.37 -6.68 14.42
N ALA B 139 -27.81 -6.20 13.30
CA ALA B 139 -27.74 -4.78 12.98
C ALA B 139 -29.13 -4.14 12.90
N LEU B 140 -30.09 -4.85 12.34
CA LEU B 140 -31.44 -4.34 12.28
C LEU B 140 -32.02 -4.30 13.66
N ALA B 141 -31.86 -5.38 14.37
CA ALA B 141 -32.41 -5.47 15.72
C ALA B 141 -31.91 -4.34 16.63
N ILE B 142 -30.67 -3.90 16.40
CA ILE B 142 -30.05 -2.84 17.20
C ILE B 142 -30.67 -1.47 16.92
N ARG B 143 -30.94 -1.20 15.65
CA ARG B 143 -31.52 0.05 15.22
C ARG B 143 -32.98 0.14 15.61
N GLU B 144 -33.64 -0.97 15.48
CA GLU B 144 -35.07 -1.05 15.79
C GLU B 144 -35.33 -0.89 17.28
N TYR B 145 -34.37 -1.31 18.10
CA TYR B 145 -34.46 -1.14 19.55
C TYR B 145 -34.23 0.30 19.96
N MET B 146 -33.22 0.94 19.37
CA MET B 146 -32.93 2.35 19.58
C MET B 146 -34.09 3.24 19.13
N GLU B 147 -34.87 2.72 18.19
CA GLU B 147 -36.05 3.39 17.66
C GLU B 147 -37.23 3.28 18.62
N LYS B 148 -37.41 2.10 19.20
CA LYS B 148 -38.55 1.82 20.09
C LYS B 148 -38.30 2.25 21.54
N TYR B 149 -37.03 2.36 21.92
CA TYR B 149 -36.65 2.72 23.29
C TYR B 149 -35.52 3.76 23.35
N LYS B 150 -35.58 4.65 24.33
CA LYS B 150 -34.61 5.72 24.48
C LYS B 150 -33.30 5.23 25.09
N VAL B 151 -32.21 5.43 24.36
CA VAL B 151 -30.89 4.97 24.80
C VAL B 151 -29.91 6.13 24.92
N GLU B 152 -29.34 6.29 26.11
CA GLU B 152 -28.31 7.31 26.39
C GLU B 152 -26.95 6.66 26.64
N ASN B 153 -26.96 5.57 27.37
CA ASN B 153 -25.74 4.94 27.82
C ASN B 153 -25.50 3.56 27.29
N VAL B 154 -24.33 3.36 26.70
CA VAL B 154 -23.99 2.12 26.01
C VAL B 154 -22.77 1.46 26.64
N VAL B 155 -22.89 0.16 26.94
CA VAL B 155 -21.79 -0.60 27.51
C VAL B 155 -21.37 -1.72 26.57
N ILE B 156 -20.08 -1.75 26.24
CA ILE B 156 -19.51 -2.78 25.39
C ILE B 156 -18.68 -3.75 26.23
N ILE B 157 -18.97 -5.03 26.16
CA ILE B 157 -18.12 -6.05 26.74
C ILE B 157 -17.22 -6.60 25.70
N GLY B 158 -15.96 -6.21 25.69
CA GLY B 158 -15.13 -6.49 24.55
C GLY B 158 -13.67 -6.26 24.76
N GLY B 159 -13.00 -5.69 23.79
CA GLY B 159 -11.61 -5.38 23.94
C GLY B 159 -10.90 -5.48 22.63
N GLY B 160 -11.46 -6.34 21.80
CA GLY B 160 -10.90 -6.74 20.53
C GLY B 160 -11.51 -5.92 19.46
N TYR B 161 -11.43 -6.34 18.22
CA TYR B 161 -11.74 -5.42 17.15
C TYR B 161 -13.19 -5.07 16.99
N ILE B 162 -14.04 -6.06 17.11
CA ILE B 162 -15.44 -5.82 16.97
C ILE B 162 -15.88 -4.87 18.02
N GLY B 163 -15.39 -5.07 19.21
CA GLY B 163 -15.75 -4.19 20.31
C GLY B 163 -15.44 -2.71 20.01
N ILE B 164 -14.21 -2.45 19.57
CA ILE B 164 -13.78 -1.07 19.26
C ILE B 164 -14.59 -0.48 18.12
N GLU B 165 -14.88 -1.29 17.10
CA GLU B 165 -15.69 -0.86 15.96
C GLU B 165 -17.15 -0.58 16.35
N MET B 166 -17.66 -1.35 17.31
CA MET B 166 -18.99 -1.09 17.86
C MET B 166 -18.98 0.14 18.76
N ALA B 167 -17.91 0.26 19.56
CA ALA B 167 -17.72 1.42 20.44
C ALA B 167 -17.72 2.73 19.66
N GLU B 168 -17.01 2.74 18.52
CA GLU B 168 -16.95 3.93 17.66
C GLU B 168 -18.32 4.27 17.06
N ALA B 169 -19.05 3.24 16.65
CA ALA B 169 -20.38 3.41 16.04
C ALA B 169 -21.32 4.21 16.93
N PHE B 170 -21.22 4.01 18.25
CA PHE B 170 -22.08 4.68 19.20
C PHE B 170 -21.57 6.08 19.62
N ALA B 171 -20.26 6.26 19.65
CA ALA B 171 -19.65 7.53 20.07
C ALA B 171 -20.02 8.70 19.15
N ALA B 172 -19.81 8.51 17.85
CA ALA B 172 -20.06 9.56 16.86
C ALA B 172 -21.54 9.87 16.69
N GLN B 173 -22.38 9.07 17.34
CA GLN B 173 -23.82 9.33 17.45
C GLN B 173 -24.14 10.10 18.74
N GLY B 174 -23.09 10.49 19.47
CA GLY B 174 -23.22 11.29 20.69
C GLY B 174 -23.43 10.50 21.97
N LYS B 175 -23.53 9.17 21.85
CA LYS B 175 -23.85 8.30 22.99
C LYS B 175 -22.73 8.24 24.04
N ASN B 176 -23.11 7.79 25.24
CA ASN B 176 -22.19 7.61 26.35
C ASN B 176 -21.72 6.15 26.39
N VAL B 177 -20.47 5.91 26.02
CA VAL B 177 -19.97 4.54 25.83
C VAL B 177 -18.93 4.14 26.88
N THR B 178 -19.04 2.90 27.35
CA THR B 178 -18.13 2.34 28.35
C THR B 178 -17.63 0.96 27.89
N MET B 179 -16.33 0.77 27.93
CA MET B 179 -15.79 -0.51 27.57
C MET B 179 -15.22 -1.27 28.73
N ILE B 180 -15.66 -2.50 28.81
CA ILE B 180 -15.21 -3.41 29.85
C ILE B 180 -14.19 -4.40 29.28
N VAL B 181 -12.93 -4.23 29.68
CA VAL B 181 -11.84 -5.06 29.18
C VAL B 181 -11.25 -5.93 30.26
N ARG B 182 -11.36 -7.25 30.07
CA ARG B 182 -10.73 -8.22 30.97
C ARG B 182 -9.22 -8.15 30.80
N GLY B 183 -8.54 -7.83 31.90
CA GLY B 183 -7.06 -7.70 31.93
C GLY B 183 -6.49 -6.44 31.26
N GLU B 184 -5.16 -6.41 31.17
CA GLU B 184 -4.35 -5.18 31.10
C GLU B 184 -4.61 -4.15 29.99
N ARG B 185 -4.85 -4.59 28.76
CA ARG B 185 -4.96 -3.65 27.64
C ARG B 185 -5.92 -4.09 26.52
N VAL B 186 -6.27 -3.12 25.67
CA VAL B 186 -7.12 -3.36 24.49
C VAL B 186 -6.36 -4.14 23.42
N LEU B 187 -7.07 -5.01 22.71
CA LEU B 187 -6.51 -5.83 21.61
C LEU B 187 -5.27 -6.63 22.03
N ARG B 188 -5.18 -6.98 23.31
CA ARG B 188 -3.99 -7.62 23.88
C ARG B 188 -3.62 -8.95 23.21
N ARG B 189 -4.61 -9.58 22.59
CA ARG B 189 -4.43 -10.92 22.02
C ARG B 189 -3.73 -10.91 20.67
N SER B 190 -3.88 -9.83 19.91
CA SER B 190 -3.40 -9.80 18.52
C SER B 190 -2.32 -8.75 18.23
N PHE B 191 -2.07 -7.85 19.18
CA PHE B 191 -1.04 -6.81 19.00
C PHE B 191 -0.16 -6.68 20.23
N ASP B 192 1.03 -6.12 20.04
CA ASP B 192 1.96 -5.85 21.14
C ASP B 192 1.58 -4.53 21.86
N LYS B 193 2.01 -4.42 23.11
CA LYS B 193 1.65 -3.28 23.97
C LYS B 193 1.95 -1.92 23.36
N GLU B 194 3.19 -1.75 22.88
CA GLU B 194 3.67 -0.49 22.32
C GLU B 194 2.91 0.00 21.08
N VAL B 195 2.06 -0.88 20.55
CA VAL B 195 1.23 -0.59 19.39
C VAL B 195 -0.17 -0.17 19.84
N THR B 196 -0.77 -0.96 20.72
CA THR B 196 -2.11 -0.70 21.23
C THR B 196 -2.17 0.54 22.12
N ASP B 197 -1.06 0.83 22.81
CA ASP B 197 -0.95 2.01 23.66
C ASP B 197 -1.33 3.29 22.91
N ILE B 198 -1.00 3.35 21.63
CA ILE B 198 -1.27 4.52 20.79
C ILE B 198 -2.76 4.69 20.48
N LEU B 199 -3.45 3.58 20.26
CA LEU B 199 -4.89 3.58 20.10
C LEU B 199 -5.58 3.89 21.40
N GLU B 200 -5.06 3.34 22.45
CA GLU B 200 -5.67 3.46 23.78
C GLU B 200 -5.73 4.92 24.24
N GLU B 201 -4.68 5.68 23.93
CA GLU B 201 -4.68 7.13 24.17
C GLU B 201 -5.92 7.78 23.56
N LYS B 202 -6.17 7.46 22.28
CA LYS B 202 -7.32 7.99 21.55
C LYS B 202 -8.64 7.43 22.08
N LEU B 203 -8.64 6.16 22.51
CA LEU B 203 -9.83 5.52 23.07
C LEU B 203 -10.31 6.21 24.35
N LYS B 204 -9.46 6.30 25.34
CA LYS B 204 -9.87 6.85 26.60
C LYS B 204 -10.49 8.24 26.52
N LYS B 205 -10.08 9.04 25.55
CA LYS B 205 -10.58 10.40 25.39
C LYS B 205 -12.04 10.46 24.95
N HIS B 206 -12.51 9.38 24.32
CA HIS B 206 -13.86 9.34 23.76
C HIS B 206 -14.64 8.16 24.32
N VAL B 207 -14.00 7.40 25.20
CA VAL B 207 -14.57 6.21 25.82
C VAL B 207 -14.29 6.15 27.30
N ASN B 208 -15.25 5.66 28.07
CA ASN B 208 -14.98 5.29 29.45
C ASN B 208 -14.32 3.91 29.46
N LEU B 209 -13.00 3.90 29.34
CA LEU B 209 -12.24 2.66 29.22
C LEU B 209 -12.01 2.06 30.60
N ARG B 210 -12.57 0.86 30.81
CA ARG B 210 -12.42 0.17 32.08
C ARG B 210 -11.71 -1.18 31.92
N LEU B 211 -10.42 -1.16 32.27
CA LEU B 211 -9.56 -2.34 32.17
C LEU B 211 -9.59 -3.15 33.46
N GLN B 212 -9.17 -4.39 33.29
CA GLN B 212 -9.02 -5.36 34.34
C GLN B 212 -10.30 -5.48 35.11
N GLU B 213 -11.37 -5.70 34.38
CA GLU B 213 -12.70 -5.91 34.93
C GLU B 213 -13.48 -7.07 34.33
N ILE B 214 -14.01 -7.93 35.21
CA ILE B 214 -14.84 -9.04 34.83
C ILE B 214 -16.29 -8.65 35.08
N THR B 215 -17.08 -8.56 34.02
CA THR B 215 -18.49 -8.24 34.13
C THR B 215 -19.23 -9.37 34.84
N MET B 216 -19.83 -9.05 35.99
CA MET B 216 -20.47 -10.05 36.82
C MET B 216 -21.91 -10.35 36.39
N LYS B 217 -22.71 -9.30 36.26
CA LYS B 217 -24.12 -9.45 35.86
C LYS B 217 -24.67 -8.23 35.14
N ILE B 218 -25.64 -8.47 34.27
CA ILE B 218 -26.40 -7.42 33.59
C ILE B 218 -27.79 -7.35 34.22
N GLU B 219 -28.12 -6.20 34.79
CA GLU B 219 -29.39 -6.01 35.51
C GLU B 219 -30.30 -4.96 34.89
N GLY B 220 -31.61 -5.12 35.09
CA GLY B 220 -32.59 -4.17 34.62
C GLY B 220 -34.00 -4.64 34.82
N GLU B 221 -34.93 -3.74 34.58
CA GLU B 221 -36.35 -4.04 34.59
C GLU B 221 -36.65 -5.24 33.74
N GLU B 222 -37.57 -5.05 32.82
CA GLU B 222 -37.84 -6.08 31.85
C GLU B 222 -36.75 -5.99 30.83
N ARG B 223 -36.07 -4.86 30.78
CA ARG B 223 -35.00 -4.68 29.85
C ARG B 223 -33.84 -3.98 30.52
N VAL B 224 -32.66 -4.07 29.94
CA VAL B 224 -31.41 -3.62 30.56
C VAL B 224 -31.42 -2.18 31.11
N GLU B 225 -30.76 -1.98 32.25
CA GLU B 225 -30.56 -0.63 32.81
C GLU B 225 -29.21 -0.43 33.53
N LYS B 226 -28.58 -1.53 33.94
CA LYS B 226 -27.28 -1.45 34.62
C LYS B 226 -26.39 -2.68 34.37
N VAL B 227 -25.08 -2.44 34.38
CA VAL B 227 -24.09 -3.52 34.25
C VAL B 227 -23.18 -3.53 35.47
N VAL B 228 -23.16 -4.65 36.18
CA VAL B 228 -22.35 -4.80 37.37
C VAL B 228 -21.10 -5.64 37.10
N THR B 229 -19.95 -5.09 37.46
CA THR B 229 -18.66 -5.79 37.37
C THR B 229 -18.02 -5.80 38.75
N ASP B 230 -17.01 -6.65 38.95
CA ASP B 230 -16.27 -6.68 40.22
C ASP B 230 -15.47 -5.39 40.45
N ALA B 231 -15.59 -4.46 39.51
CA ALA B 231 -15.01 -3.12 39.64
C ALA B 231 -16.05 -2.12 40.11
N GLY B 232 -17.28 -2.26 39.63
CA GLY B 232 -18.38 -1.39 40.04
C GLY B 232 -19.63 -1.50 39.18
N GLU B 233 -20.46 -0.46 39.23
CA GLU B 233 -21.69 -0.39 38.45
C GLU B 233 -21.58 0.68 37.37
N TYR B 234 -22.28 0.45 36.25
CA TYR B 234 -22.32 1.41 35.16
C TYR B 234 -23.72 1.48 34.58
N LYS B 235 -24.28 2.69 34.54
CA LYS B 235 -25.60 2.93 33.98
C LYS B 235 -25.55 2.58 32.49
N ALA B 236 -26.49 1.74 32.05
CA ALA B 236 -26.48 1.23 30.67
C ALA B 236 -27.88 0.95 30.14
N GLU B 237 -28.22 1.48 28.97
CA GLU B 237 -29.53 1.19 28.43
C GLU B 237 -29.43 0.23 27.30
N LEU B 238 -28.21 0.00 26.85
CA LEU B 238 -27.97 -0.96 25.77
C LEU B 238 -26.60 -1.63 25.93
N VAL B 239 -26.56 -2.94 25.75
CA VAL B 239 -25.33 -3.72 25.92
C VAL B 239 -24.93 -4.48 24.65
N ILE B 240 -23.66 -4.39 24.28
CA ILE B 240 -23.10 -5.20 23.20
C ILE B 240 -22.12 -6.22 23.78
N LEU B 241 -22.48 -7.47 23.65
CA LEU B 241 -21.60 -8.55 24.02
C LEU B 241 -20.72 -8.91 22.88
N ALA B 242 -19.47 -8.63 23.04
CA ALA B 242 -18.47 -9.00 22.03
C ALA B 242 -17.21 -9.54 22.70
N THR B 243 -17.38 -10.70 23.34
CA THR B 243 -16.31 -11.33 24.13
C THR B 243 -15.55 -12.42 23.36
N GLY B 244 -15.77 -12.48 22.04
CA GLY B 244 -15.11 -13.47 21.20
C GLY B 244 -16.11 -14.32 20.44
N ILE B 245 -15.61 -15.04 19.44
CA ILE B 245 -16.45 -15.90 18.58
C ILE B 245 -15.97 -17.35 18.53
N LYS B 246 -16.88 -18.27 18.22
CA LYS B 246 -16.56 -19.69 18.15
C LYS B 246 -17.07 -20.32 16.84
N PRO B 247 -16.27 -21.21 16.21
CA PRO B 247 -16.68 -21.87 14.97
C PRO B 247 -17.85 -22.84 15.16
N ASN B 248 -18.78 -22.84 14.19
CA ASN B 248 -19.96 -23.69 14.25
C ASN B 248 -19.67 -25.11 13.79
N ILE B 249 -19.24 -25.95 14.72
CA ILE B 249 -18.74 -27.24 14.37
C ILE B 249 -19.60 -28.37 14.80
N GLU B 250 -20.69 -28.07 15.43
CA GLU B 250 -21.56 -29.06 16.03
C GLU B 250 -22.22 -30.01 15.02
N LEU B 251 -22.46 -29.51 13.81
CA LEU B 251 -23.03 -30.32 12.74
C LEU B 251 -21.95 -30.98 11.87
N ALA B 252 -20.70 -30.64 12.12
CA ALA B 252 -19.58 -31.32 11.51
C ALA B 252 -19.31 -32.53 12.31
N LYS B 253 -19.28 -32.38 13.60
CA LYS B 253 -19.15 -33.50 14.50
C LYS B 253 -20.10 -34.62 14.24
N GLN B 254 -21.20 -34.37 13.57
CA GLN B 254 -22.17 -35.43 13.39
C GLN B 254 -21.72 -36.31 12.26
N LEU B 255 -20.85 -35.76 11.44
CA LEU B 255 -20.37 -36.42 10.27
C LEU B 255 -19.06 -37.13 10.54
N GLY B 256 -18.46 -36.88 11.69
CA GLY B 256 -17.20 -37.49 12.01
C GLY B 256 -16.04 -36.73 11.46
N VAL B 257 -16.17 -35.42 11.44
CA VAL B 257 -15.18 -34.55 10.87
C VAL B 257 -14.15 -34.16 11.86
N ARG B 258 -12.86 -34.36 11.50
CA ARG B 258 -11.74 -34.00 12.37
C ARG B 258 -11.76 -32.51 12.68
N ILE B 259 -11.62 -32.19 13.95
CA ILE B 259 -11.55 -30.81 14.40
C ILE B 259 -10.13 -30.50 14.86
N GLY B 260 -9.56 -29.43 14.29
CA GLY B 260 -8.19 -29.02 14.60
C GLY B 260 -8.01 -28.56 16.03
N GLU B 261 -6.76 -28.44 16.45
CA GLU B 261 -6.42 -28.04 17.82
C GLU B 261 -6.91 -26.63 18.17
N THR B 262 -7.19 -25.81 17.16
CA THR B 262 -7.70 -24.46 17.35
C THR B 262 -9.19 -24.43 17.71
N GLY B 263 -9.90 -25.49 17.36
CA GLY B 263 -11.35 -25.57 17.60
C GLY B 263 -12.15 -25.55 16.31
N ALA B 264 -11.50 -25.12 15.24
CA ALA B 264 -12.12 -25.06 13.91
C ALA B 264 -11.93 -26.39 13.17
N ILE B 265 -12.69 -26.57 12.09
CA ILE B 265 -12.61 -27.75 11.24
C ILE B 265 -11.24 -27.85 10.58
N TRP B 266 -10.58 -28.99 10.75
CA TRP B 266 -9.28 -29.24 10.14
C TRP B 266 -9.39 -29.31 8.61
N THR B 267 -8.43 -28.71 7.93
CA THR B 267 -8.36 -28.75 6.46
C THR B 267 -6.93 -28.95 5.95
N ASN B 268 -6.80 -29.13 4.63
CA ASN B 268 -5.49 -29.09 3.96
C ASN B 268 -5.50 -27.98 2.90
N GLU B 269 -4.43 -27.89 2.11
CA GLU B 269 -4.31 -26.89 1.04
C GLU B 269 -5.54 -26.83 0.12
N LYS B 270 -6.16 -27.98 -0.13
CA LYS B 270 -7.31 -28.08 -1.02
C LYS B 270 -8.64 -27.73 -0.33
N MET B 271 -8.57 -27.43 0.96
CA MET B 271 -9.74 -27.15 1.81
C MET B 271 -10.58 -28.40 2.10
N GLN B 272 -10.00 -29.57 1.82
CA GLN B 272 -10.61 -30.86 2.14
C GLN B 272 -10.59 -31.10 3.64
N THR B 273 -11.59 -31.81 4.14
CA THR B 273 -11.64 -32.21 5.54
C THR B 273 -11.13 -33.65 5.69
N SER B 274 -11.23 -34.21 6.89
CA SER B 274 -10.86 -35.60 7.16
C SER B 274 -11.79 -36.58 6.44
N VAL B 275 -13.02 -36.14 6.17
CA VAL B 275 -14.03 -36.99 5.53
C VAL B 275 -14.05 -36.77 4.02
N GLU B 276 -14.04 -37.89 3.30
CA GLU B 276 -14.06 -37.94 1.84
C GLU B 276 -15.17 -37.07 1.23
N ASN B 277 -14.80 -36.26 0.23
CA ASN B 277 -15.75 -35.38 -0.48
C ASN B 277 -16.32 -34.23 0.36
N VAL B 278 -15.82 -34.07 1.58
CA VAL B 278 -16.30 -33.03 2.48
C VAL B 278 -15.27 -31.91 2.63
N TYR B 279 -15.74 -30.68 2.47
CA TYR B 279 -14.89 -29.50 2.46
C TYR B 279 -15.32 -28.48 3.52
N ALA B 280 -14.43 -27.57 3.86
CA ALA B 280 -14.74 -26.47 4.79
C ALA B 280 -14.06 -25.18 4.37
N ALA B 281 -14.83 -24.09 4.37
CA ALA B 281 -14.34 -22.79 3.97
C ALA B 281 -14.86 -21.70 4.90
N GLY B 282 -14.00 -20.71 5.19
CA GLY B 282 -14.39 -19.56 5.99
C GLY B 282 -14.20 -19.74 7.48
N ASP B 283 -15.00 -18.99 8.25
CA ASP B 283 -14.89 -18.91 9.71
C ASP B 283 -15.03 -20.23 10.47
N VAL B 284 -15.54 -21.27 9.79
CA VAL B 284 -15.59 -22.61 10.38
C VAL B 284 -14.26 -23.34 10.30
N ALA B 285 -13.42 -22.95 9.35
CA ALA B 285 -12.25 -23.74 8.98
C ALA B 285 -10.93 -23.26 9.60
N GLU B 286 -10.11 -24.25 9.95
CA GLU B 286 -8.74 -24.05 10.40
C GLU B 286 -7.84 -24.14 9.17
N THR B 287 -6.89 -23.23 9.06
CA THR B 287 -6.00 -23.17 7.90
C THR B 287 -4.53 -23.15 8.30
N ARG B 288 -3.65 -23.07 7.31
CA ARG B 288 -2.21 -23.07 7.53
C ARG B 288 -1.70 -21.65 7.74
N HIS B 289 -0.62 -21.49 8.50
CA HIS B 289 0.08 -20.21 8.60
C HIS B 289 1.26 -20.18 7.65
N VAL B 290 1.33 -19.14 6.83
CA VAL B 290 2.33 -19.02 5.76
C VAL B 290 3.78 -19.05 6.26
N ILE B 291 4.04 -18.49 7.45
CA ILE B 291 5.39 -18.43 8.00
C ILE B 291 5.76 -19.66 8.84
N THR B 292 4.96 -19.94 9.87
CA THR B 292 5.26 -21.02 10.80
C THR B 292 4.90 -22.41 10.26
N GLY B 293 3.94 -22.46 9.33
CA GLY B 293 3.44 -23.74 8.79
C GLY B 293 2.49 -24.44 9.75
N ARG B 294 2.22 -23.82 10.87
CA ARG B 294 1.34 -24.33 11.89
C ARG B 294 -0.11 -24.13 11.57
N ARG B 295 -0.96 -24.98 12.10
CA ARG B 295 -2.40 -24.83 11.92
C ARG B 295 -2.91 -23.67 12.75
N VAL B 296 -3.74 -22.84 12.13
CA VAL B 296 -4.16 -21.58 12.73
C VAL B 296 -5.61 -21.27 12.40
N TRP B 297 -6.25 -20.46 13.24
CA TRP B 297 -7.63 -20.04 12.99
C TRP B 297 -7.71 -18.52 12.96
N VAL B 298 -7.99 -17.98 11.77
CA VAL B 298 -8.10 -16.55 11.57
C VAL B 298 -9.40 -16.24 10.83
N PRO B 299 -10.47 -15.91 11.57
CA PRO B 299 -11.78 -15.65 10.97
C PRO B 299 -11.84 -14.28 10.30
N LEU B 300 -11.37 -14.20 9.05
CA LEU B 300 -11.38 -12.95 8.28
C LEU B 300 -11.88 -13.12 6.85
N ALA B 301 -12.40 -12.03 6.29
CA ALA B 301 -13.14 -12.02 5.02
C ALA B 301 -12.37 -12.41 3.75
N PRO B 302 -11.17 -11.83 3.51
CA PRO B 302 -10.47 -12.16 2.26
C PRO B 302 -10.05 -13.62 2.17
N ALA B 303 -9.67 -14.21 3.31
CA ALA B 303 -9.29 -15.61 3.36
C ALA B 303 -10.50 -16.52 3.15
N GLY B 304 -11.58 -16.26 3.88
CA GLY B 304 -12.83 -17.00 3.76
C GLY B 304 -13.33 -17.08 2.34
N ASN B 305 -13.20 -15.96 1.61
CA ASN B 305 -13.56 -15.89 0.20
C ASN B 305 -12.67 -16.76 -0.69
N LYS B 306 -11.36 -16.71 -0.45
CA LYS B 306 -10.41 -17.52 -1.21
C LYS B 306 -10.57 -19.00 -0.89
N MET B 307 -10.86 -19.31 0.37
CA MET B 307 -11.10 -20.68 0.82
C MET B 307 -12.29 -21.31 0.10
N GLY B 308 -13.36 -20.52 -0.07
CA GLY B 308 -14.52 -20.93 -0.85
C GLY B 308 -14.18 -21.15 -2.31
N TYR B 309 -13.45 -20.20 -2.89
CA TYR B 309 -12.95 -20.32 -4.26
C TYR B 309 -12.17 -21.63 -4.44
N VAL B 310 -11.19 -21.84 -3.56
CA VAL B 310 -10.32 -23.03 -3.61
C VAL B 310 -11.09 -24.33 -3.43
N ALA B 311 -12.03 -24.34 -2.50
CA ALA B 311 -12.88 -25.51 -2.26
C ALA B 311 -13.72 -25.86 -3.49
N GLY B 312 -14.27 -24.84 -4.14
CA GLY B 312 -15.08 -25.01 -5.34
C GLY B 312 -14.32 -25.63 -6.49
N SER B 313 -13.11 -25.14 -6.72
CA SER B 313 -12.25 -25.59 -7.82
C SER B 313 -11.88 -27.07 -7.68
N ASN B 314 -11.57 -27.48 -6.45
CA ASN B 314 -11.19 -28.85 -6.16
C ASN B 314 -12.36 -29.84 -6.29
N ILE B 315 -13.55 -29.40 -5.89
CA ILE B 315 -14.79 -30.17 -6.10
C ILE B 315 -15.02 -30.40 -7.60
N ALA B 316 -14.78 -29.37 -8.40
CA ALA B 316 -15.00 -29.41 -9.84
C ALA B 316 -13.79 -29.93 -10.64
N GLY B 317 -12.85 -30.56 -9.94
CA GLY B 317 -11.73 -31.24 -10.60
C GLY B 317 -10.61 -30.38 -11.16
N LYS B 318 -10.57 -29.11 -10.77
CA LYS B 318 -9.45 -28.25 -11.11
C LYS B 318 -8.59 -28.01 -9.86
N GLU B 319 -7.50 -28.76 -9.75
CA GLU B 319 -6.66 -28.76 -8.56
C GLU B 319 -6.03 -27.40 -8.27
N LEU B 320 -6.22 -26.92 -7.05
CA LEU B 320 -5.71 -25.65 -6.56
C LEU B 320 -5.37 -25.72 -5.11
N HIS B 321 -4.35 -25.01 -4.69
CA HIS B 321 -3.89 -25.04 -3.31
C HIS B 321 -3.99 -23.67 -2.66
N PHE B 322 -4.62 -23.61 -1.49
CA PHE B 322 -4.57 -22.42 -0.66
C PHE B 322 -3.29 -22.49 0.17
N PRO B 323 -2.38 -21.51 0.00
CA PRO B 323 -1.08 -21.50 0.68
C PRO B 323 -1.22 -21.27 2.17
N GLY B 324 -2.30 -20.64 2.58
CA GLY B 324 -2.54 -20.35 3.98
C GLY B 324 -2.70 -18.87 4.23
N VAL B 325 -2.43 -18.45 5.46
CA VAL B 325 -2.70 -17.09 5.86
C VAL B 325 -1.51 -16.44 6.61
N LEU B 326 -1.44 -15.12 6.59
CA LEU B 326 -0.35 -14.38 7.22
C LEU B 326 -0.72 -13.76 8.57
N GLY B 327 -2.01 -13.80 8.90
CA GLY B 327 -2.52 -13.09 10.06
C GLY B 327 -2.66 -11.61 9.78
N THR B 328 -2.80 -11.27 8.50
CA THR B 328 -2.99 -9.89 8.08
C THR B 328 -4.38 -9.41 8.48
N ALA B 329 -4.44 -8.28 9.16
CA ALA B 329 -5.70 -7.64 9.52
C ALA B 329 -5.50 -6.16 9.82
N VAL B 330 -6.60 -5.41 9.75
CA VAL B 330 -6.55 -3.97 9.90
C VAL B 330 -7.86 -3.45 10.52
N THR B 331 -7.75 -2.49 11.43
CA THR B 331 -8.91 -1.83 12.04
C THR B 331 -8.65 -0.33 12.20
N LYS B 332 -9.68 0.38 12.62
CA LYS B 332 -9.62 1.81 12.87
C LYS B 332 -10.53 2.18 14.04
N PHE B 333 -9.98 2.95 14.98
CA PHE B 333 -10.82 3.72 15.90
C PHE B 333 -10.61 5.20 15.61
N MET B 334 -11.70 5.89 15.30
CA MET B 334 -11.69 7.31 14.89
C MET B 334 -10.75 7.53 13.71
N ASP B 335 -9.68 8.30 13.91
CA ASP B 335 -8.69 8.51 12.86
C ASP B 335 -7.35 7.82 13.17
N VAL B 336 -7.41 6.81 14.04
CA VAL B 336 -6.25 6.00 14.38
C VAL B 336 -6.30 4.65 13.66
N GLU B 337 -5.35 4.43 12.75
CA GLU B 337 -5.29 3.20 11.96
C GLU B 337 -4.38 2.18 12.63
N ILE B 338 -4.89 0.96 12.78
CA ILE B 338 -4.14 -0.14 13.40
C ILE B 338 -4.17 -1.36 12.50
N GLY B 339 -2.99 -1.93 12.22
CA GLY B 339 -2.91 -3.10 11.36
C GLY B 339 -1.62 -3.88 11.49
N LYS B 340 -1.70 -5.18 11.25
CA LYS B 340 -0.56 -6.08 11.35
C LYS B 340 -0.50 -7.07 10.18
N THR B 341 0.68 -7.65 9.98
CA THR B 341 0.84 -8.85 9.18
C THR B 341 2.00 -9.68 9.73
N GLY B 342 1.92 -11.00 9.58
CA GLY B 342 2.92 -11.90 10.14
C GLY B 342 2.82 -11.99 11.65
N LEU B 343 3.90 -12.41 12.28
CA LEU B 343 3.92 -12.65 13.72
C LEU B 343 4.27 -11.40 14.52
N THR B 344 3.59 -11.22 15.65
CA THR B 344 3.96 -10.22 16.64
C THR B 344 5.20 -10.70 17.41
N GLU B 345 5.74 -9.87 18.30
CA GLU B 345 6.88 -10.27 19.13
C GLU B 345 6.49 -11.40 20.08
N MET B 346 5.28 -11.39 20.55
CA MET B 346 4.85 -12.41 21.42
C MET B 346 4.65 -13.73 20.76
N GLU B 347 4.01 -13.72 19.62
CA GLU B 347 3.81 -14.94 18.82
C GLU B 347 5.14 -15.56 18.41
N ALA B 348 6.06 -14.73 17.92
CA ALA B 348 7.38 -15.18 17.51
C ALA B 348 8.14 -15.82 18.67
N LEU B 349 8.17 -15.19 19.80
CA LEU B 349 8.82 -15.76 20.93
C LEU B 349 8.17 -17.05 21.35
N LYS B 350 6.85 -17.07 21.39
CA LYS B 350 6.12 -18.30 21.71
C LYS B 350 6.48 -19.46 20.77
N GLU B 351 6.85 -19.12 19.54
CA GLU B 351 7.20 -20.14 18.54
C GLU B 351 8.68 -20.52 18.61
N GLY B 352 9.41 -19.92 19.55
CA GLY B 352 10.80 -20.30 19.83
C GLY B 352 11.86 -19.62 18.97
N TYR B 353 11.46 -18.60 18.23
CA TYR B 353 12.38 -17.83 17.39
C TYR B 353 13.43 -17.06 18.20
N ASP B 354 14.60 -16.86 17.59
CA ASP B 354 15.60 -15.92 18.09
C ASP B 354 15.29 -14.59 17.44
N VAL B 355 14.74 -13.67 18.22
CA VAL B 355 14.10 -12.47 17.70
C VAL B 355 14.79 -11.16 18.08
N ARG B 356 14.95 -10.29 17.09
CA ARG B 356 15.21 -8.86 17.28
C ARG B 356 14.07 -7.98 16.75
N THR B 357 13.79 -6.91 17.45
CA THR B 357 12.70 -6.03 17.04
C THR B 357 13.17 -4.59 16.85
N ALA B 358 12.32 -3.78 16.24
CA ALA B 358 12.53 -2.35 16.15
C ALA B 358 11.19 -1.63 16.16
N PHE B 359 11.13 -0.50 16.84
CA PHE B 359 9.94 0.34 16.88
C PHE B 359 10.31 1.79 16.56
N ILE B 360 9.84 2.26 15.41
CA ILE B 360 10.22 3.58 14.91
C ILE B 360 9.01 4.51 14.73
N LYS B 361 9.30 5.81 14.66
CA LYS B 361 8.28 6.82 14.38
C LYS B 361 8.69 7.65 13.16
N ALA B 362 7.73 7.87 12.26
CA ALA B 362 7.99 8.63 11.04
C ALA B 362 6.76 9.42 10.60
N SER B 363 6.79 10.01 9.41
CA SER B 363 5.63 10.71 8.89
C SER B 363 5.16 10.22 7.55
N THR B 364 3.96 10.60 7.23
CA THR B 364 3.29 10.16 6.02
C THR B 364 3.63 11.05 4.83
N ARG B 365 4.20 12.22 5.09
CA ARG B 365 4.69 13.13 4.04
C ARG B 365 6.05 13.68 4.38
N PRO B 366 6.71 14.30 3.41
CA PRO B 366 7.97 15.00 3.67
C PRO B 366 7.74 16.31 4.42
N HIS B 367 8.79 16.85 5.03
CA HIS B 367 8.66 18.06 5.86
C HIS B 367 8.41 19.38 5.09
N TYR B 368 8.45 19.33 3.77
CA TYR B 368 7.96 20.44 2.97
C TYR B 368 6.44 20.33 2.80
N TYR B 369 6.01 19.34 2.03
CA TYR B 369 4.58 19.08 1.78
C TYR B 369 3.79 18.95 3.09
N PRO B 370 2.60 19.59 3.17
CA PRO B 370 1.83 19.62 4.41
C PRO B 370 0.81 18.49 4.53
N GLY B 371 0.23 18.36 5.72
CA GLY B 371 -0.74 17.31 6.01
C GLY B 371 -0.10 16.07 6.59
N GLY B 372 1.22 16.15 6.81
CA GLY B 372 1.98 15.03 7.37
C GLY B 372 1.49 14.63 8.75
N ARG B 373 0.95 13.42 8.83
CA ARG B 373 0.50 12.84 10.09
C ARG B 373 1.58 11.90 10.62
N GLU B 374 1.41 11.41 11.85
CA GLU B 374 2.39 10.53 12.47
C GLU B 374 2.14 9.06 12.13
N ILE B 375 3.22 8.31 11.91
CA ILE B 375 3.13 6.86 11.68
C ILE B 375 4.21 6.08 12.45
N TRP B 376 3.77 5.08 13.21
CA TRP B 376 4.64 4.22 14.00
C TRP B 376 4.67 2.81 13.43
N LEU B 377 5.87 2.22 13.35
CA LEU B 377 6.03 0.87 12.82
C LEU B 377 6.81 -0.03 13.77
N LYS B 378 6.33 -1.26 13.94
CA LYS B 378 7.08 -2.29 14.67
C LYS B 378 7.39 -3.49 13.78
N GLY B 379 8.65 -3.92 13.80
CA GLY B 379 9.09 -5.06 13.02
C GLY B 379 9.77 -6.14 13.86
N VAL B 380 9.39 -7.39 13.60
CA VAL B 380 10.01 -8.55 14.24
C VAL B 380 10.88 -9.26 13.20
N VAL B 381 12.09 -9.64 13.60
CA VAL B 381 13.06 -10.27 12.67
C VAL B 381 13.77 -11.50 13.27
N ASP B 382 13.83 -12.57 12.49
CA ASP B 382 14.57 -13.78 12.85
C ASP B 382 16.07 -13.54 12.70
N ASN B 383 16.81 -13.73 13.79
CA ASN B 383 18.24 -13.46 13.85
C ASN B 383 19.10 -14.34 12.95
N GLU B 384 18.70 -15.59 12.77
CA GLU B 384 19.48 -16.58 12.04
C GLU B 384 19.40 -16.45 10.52
N THR B 385 18.31 -15.85 10.03
CA THR B 385 18.02 -15.80 8.60
C THR B 385 17.80 -14.38 8.06
N ASN B 386 17.67 -13.42 8.97
CA ASN B 386 17.42 -12.00 8.62
C ASN B 386 16.04 -11.74 8.01
N ARG B 387 15.18 -12.74 8.02
CA ARG B 387 13.85 -12.62 7.42
C ARG B 387 12.85 -11.93 8.34
N LEU B 388 11.97 -11.13 7.75
CA LEU B 388 10.88 -10.51 8.48
C LEU B 388 9.95 -11.60 8.98
N LEU B 389 9.59 -11.52 10.25
CA LEU B 389 8.61 -12.43 10.85
C LEU B 389 7.25 -11.77 10.92
N GLY B 390 7.24 -10.44 11.00
CA GLY B 390 6.00 -9.69 11.09
C GLY B 390 6.18 -8.18 11.23
N VAL B 391 5.14 -7.46 10.83
CA VAL B 391 5.13 -6.00 10.91
C VAL B 391 3.79 -5.52 11.45
N GLN B 392 3.84 -4.62 12.43
CA GLN B 392 2.66 -3.94 12.95
C GLN B 392 2.77 -2.44 12.65
N VAL B 393 1.68 -1.86 12.16
CA VAL B 393 1.66 -0.44 11.82
C VAL B 393 0.50 0.29 12.51
N VAL B 394 0.80 1.48 13.03
CA VAL B 394 -0.20 2.31 13.73
C VAL B 394 -0.05 3.79 13.39
N GLY B 395 -1.18 4.47 13.19
CA GLY B 395 -1.20 5.90 12.92
C GLY B 395 -2.07 6.27 11.72
N SER B 396 -1.44 6.87 10.71
CA SER B 396 -2.14 7.28 9.50
C SER B 396 -1.52 6.68 8.24
N ASP B 397 -2.32 6.46 7.22
CA ASP B 397 -1.81 5.96 5.96
C ASP B 397 -1.04 4.67 6.07
N ILE B 398 -1.62 3.68 6.69
CA ILE B 398 -0.86 2.47 7.02
C ILE B 398 -1.04 1.33 6.02
N LEU B 399 -2.08 1.43 5.18
CA LEU B 399 -2.40 0.39 4.21
C LEU B 399 -1.24 0.03 3.27
N PRO B 400 -0.51 1.03 2.74
CA PRO B 400 0.65 0.69 1.89
C PRO B 400 1.66 -0.17 2.63
N ARG B 401 1.95 0.17 3.89
CA ARG B 401 2.97 -0.52 4.67
C ARG B 401 2.61 -1.96 5.01
N ILE B 402 1.32 -2.24 5.19
CA ILE B 402 0.85 -3.58 5.54
C ILE B 402 0.74 -4.48 4.31
N ASP B 403 0.07 -3.98 3.27
CA ASP B 403 -0.09 -4.72 2.02
C ASP B 403 1.25 -5.03 1.37
N THR B 404 2.16 -4.08 1.34
CA THR B 404 3.48 -4.31 0.81
C THR B 404 4.25 -5.26 1.64
N ALA B 405 4.21 -5.08 2.93
CA ALA B 405 4.88 -6.01 3.85
C ALA B 405 4.32 -7.43 3.75
N ALA B 406 3.01 -7.54 3.54
CA ALA B 406 2.35 -8.84 3.38
C ALA B 406 2.95 -9.60 2.20
N ALA B 407 3.07 -8.93 1.06
CA ALA B 407 3.70 -9.52 -0.13
C ALA B 407 5.12 -10.00 0.18
N MET B 408 5.88 -9.17 0.89
CA MET B 408 7.25 -9.46 1.27
C MET B 408 7.33 -10.71 2.15
N LEU B 409 6.43 -10.80 3.13
CA LEU B 409 6.39 -11.95 4.04
C LEU B 409 5.91 -13.23 3.34
N MET B 410 4.92 -13.09 2.49
CA MET B 410 4.44 -14.15 1.68
C MET B 410 5.52 -14.79 0.91
N ALA B 411 6.46 -13.96 0.52
CA ALA B 411 7.60 -14.34 -0.33
C ALA B 411 8.87 -14.73 0.44
N GLY B 412 8.96 -14.29 1.69
CA GLY B 412 10.12 -14.61 2.53
C GLY B 412 11.27 -13.63 2.40
N PHE B 413 10.94 -12.35 2.24
CA PHE B 413 11.91 -11.26 2.13
C PHE B 413 12.77 -11.14 3.38
N THR B 414 14.03 -10.75 3.20
CA THR B 414 14.89 -10.33 4.32
C THR B 414 14.85 -8.81 4.44
N THR B 415 15.38 -8.29 5.54
CA THR B 415 15.45 -6.84 5.77
C THR B 415 16.18 -6.11 4.65
N LYS B 416 17.19 -6.76 4.08
CA LYS B 416 17.93 -6.20 2.96
C LYS B 416 17.10 -6.27 1.68
N ASP B 417 16.38 -7.38 1.49
CA ASP B 417 15.43 -7.52 0.38
C ASP B 417 14.40 -6.39 0.43
N ALA B 418 13.87 -6.15 1.63
CA ALA B 418 12.89 -5.10 1.87
C ALA B 418 13.49 -3.73 1.59
N PHE B 419 14.68 -3.49 2.14
CA PHE B 419 15.37 -2.22 2.01
C PHE B 419 15.54 -1.80 0.56
N PHE B 420 15.93 -2.76 -0.29
CA PHE B 420 16.26 -2.47 -1.69
C PHE B 420 15.09 -2.61 -2.67
N THR B 421 13.88 -2.82 -2.15
CA THR B 421 12.68 -2.89 -2.99
C THR B 421 12.29 -1.49 -3.47
N ASP B 422 12.04 -1.39 -4.78
CA ASP B 422 11.70 -0.13 -5.42
C ASP B 422 10.27 0.33 -5.07
N LEU B 423 10.14 0.98 -3.92
CA LEU B 423 8.86 1.55 -3.49
C LEU B 423 8.74 3.01 -3.94
N ALA B 424 7.51 3.44 -4.19
CA ALA B 424 7.24 4.72 -4.85
C ALA B 424 7.33 5.97 -3.95
N TYR B 425 7.87 7.04 -4.51
CA TYR B 425 7.89 8.35 -3.84
C TYR B 425 7.43 9.51 -4.70
N ALA B 426 6.50 10.28 -4.14
CA ALA B 426 6.16 11.62 -4.60
C ALA B 426 5.60 12.35 -3.38
N PRO B 427 5.88 13.67 -3.24
CA PRO B 427 5.48 14.43 -2.05
C PRO B 427 4.03 14.22 -1.55
N PRO B 428 3.02 14.17 -2.45
CA PRO B 428 1.66 13.95 -1.95
C PRO B 428 1.33 12.51 -1.53
N PHE B 429 2.34 11.64 -1.47
CA PHE B 429 2.11 10.22 -1.19
C PHE B 429 2.84 9.68 0.03
N ALA B 430 4.10 10.06 0.19
CA ALA B 430 4.98 9.50 1.22
C ALA B 430 6.30 10.29 1.32
N PRO B 431 7.10 10.05 2.37
CA PRO B 431 8.44 10.63 2.40
C PRO B 431 9.44 9.85 1.53
N VAL B 432 10.55 10.50 1.18
CA VAL B 432 11.57 9.94 0.30
C VAL B 432 11.98 8.53 0.72
N TRP B 433 12.19 8.34 2.02
CA TRP B 433 12.35 7.02 2.59
C TRP B 433 10.99 6.56 3.11
N ASP B 434 10.38 5.61 2.41
CA ASP B 434 9.13 5.04 2.89
C ASP B 434 9.34 4.50 4.31
N PRO B 435 8.39 4.76 5.22
CA PRO B 435 8.53 4.31 6.61
C PRO B 435 8.84 2.80 6.72
N LEU B 436 8.38 2.02 5.75
CA LEU B 436 8.68 0.60 5.70
C LEU B 436 10.17 0.36 5.47
N ILE B 437 10.77 1.16 4.60
CA ILE B 437 12.19 1.05 4.28
C ILE B 437 13.08 1.45 5.47
N VAL B 438 12.64 2.47 6.22
CA VAL B 438 13.32 2.88 7.44
C VAL B 438 13.31 1.74 8.46
N LEU B 439 12.16 1.09 8.63
CA LEU B 439 12.03 -0.06 9.51
C LEU B 439 13.03 -1.15 9.12
N ALA B 440 13.07 -1.46 7.82
CA ALA B 440 13.97 -2.46 7.27
C ALA B 440 15.45 -2.11 7.48
N ARG B 441 15.74 -0.82 7.55
CA ARG B 441 17.09 -0.33 7.77
C ARG B 441 17.46 -0.30 9.27
N VAL B 442 16.52 0.12 10.08
CA VAL B 442 16.77 0.18 11.49
C VAL B 442 16.83 -1.21 12.05
N LEU B 443 16.28 -2.16 11.31
CA LEU B 443 16.28 -3.56 11.71
C LEU B 443 17.67 -4.14 11.51
N LYS B 444 18.21 -3.99 10.33
CA LYS B 444 19.57 -4.36 10.11
C LYS B 444 19.75 -5.71 9.50
N PHE B 445 20.82 -5.86 8.76
CA PHE B 445 21.17 -7.10 8.14
C PHE B 445 22.46 -7.57 8.72
N LEU B 446 22.36 -8.18 9.86
CA LEU B 446 23.50 -8.71 10.61
C LEU B 446 23.79 -10.15 10.25
N GLU B 447 24.93 -10.38 9.61
CA GLU B 447 25.36 -11.72 9.20
C GLU B 447 26.87 -11.85 9.27
PA FAD C . 20.57 16.23 -7.47
O1A FAD C . 20.19 17.07 -8.65
O2A FAD C . 19.46 16.18 -6.44
O5B FAD C . 21.94 16.79 -6.83
C5B FAD C . 23.05 17.06 -7.66
C4B FAD C . 23.81 18.25 -7.11
O4B FAD C . 25.10 18.34 -7.66
C3B FAD C . 23.10 19.56 -7.41
O3B FAD C . 22.83 20.21 -6.19
C2B FAD C . 24.09 20.36 -8.24
O2B FAD C . 24.13 21.73 -7.85
C1B FAD C . 25.42 19.69 -7.92
N9A FAD C . 26.39 19.83 -9.01
C8A FAD C . 26.17 19.68 -10.35
N7A FAD C . 27.33 19.90 -11.02
C5A FAD C . 28.30 20.20 -10.11
C6A FAD C . 29.65 20.51 -10.24
N6A FAD C . 30.23 20.53 -11.43
N1A FAD C . 30.39 20.78 -9.11
C2A FAD C . 29.80 20.73 -7.85
N3A FAD C . 28.46 20.42 -7.73
C4A FAD C . 27.71 20.16 -8.84
N1 FAD C . 11.93 11.83 -7.84
C2 FAD C . 11.04 11.00 -7.21
O2 FAD C . 11.38 9.87 -6.89
N3 FAD C . 9.75 11.43 -6.93
C4 FAD C . 9.36 12.71 -7.30
O4 FAD C . 8.21 13.09 -7.06
C4X FAD C . 10.26 13.56 -7.95
N5 FAD C . 9.90 14.83 -8.32
C5X FAD C . 10.79 15.66 -8.96
C6 FAD C . 10.40 16.95 -9.33
C7 FAD C . 11.29 17.82 -9.97
C7M FAD C . 10.81 19.19 -10.35
C8 FAD C . 12.59 17.38 -10.24
C8M FAD C . 13.58 18.27 -10.93
C9 FAD C . 12.98 16.09 -9.88
C9A FAD C . 12.09 15.23 -9.23
N10 FAD C . 12.47 13.95 -8.85
C10 FAD C . 11.56 13.11 -8.21
C1' FAD C . 13.86 13.45 -9.15
C2' FAD C . 14.77 13.60 -7.94
O2' FAD C . 14.81 14.94 -7.53
C3' FAD C . 16.18 13.15 -8.30
O3' FAD C . 16.15 11.86 -8.88
C4' FAD C . 17.12 13.13 -7.09
O4' FAD C . 17.06 14.36 -6.41
C5' FAD C . 18.54 12.89 -7.58
O5' FAD C . 19.46 13.24 -6.57
P FAD C . 20.99 13.49 -6.96
O1P FAD C . 21.76 13.84 -5.72
O2P FAD C . 21.58 12.30 -7.67
O3P FAD C . 20.96 14.75 -7.98
N1A COA D . 13.49 6.15 13.49
C2A COA D . 14.61 5.51 13.99
N3A COA D . 15.80 5.57 13.29
C4A COA D . 15.87 6.24 12.11
C5A COA D . 14.76 6.89 11.60
C6A COA D . 13.56 6.84 12.30
N6A COA D . 12.54 7.63 11.94
N7A COA D . 15.12 7.47 10.43
C8A COA D . 16.42 7.21 10.20
N9A COA D . 16.90 6.45 11.24
C1B COA D . 18.31 6.08 11.52
C2B COA D . 18.94 5.32 10.36
O2B COA D . 18.88 3.93 10.57
C3B COA D . 20.37 5.81 10.36
O3B COA D . 21.18 4.93 11.08
P3B COA D . 22.60 4.49 10.48
O7A COA D . 22.38 3.75 9.18
O8A COA D . 23.44 5.71 10.24
O9A COA D . 23.30 3.58 11.49
C4B COA D . 20.33 7.18 11.05
O4B COA D . 19.08 7.26 11.72
C5B COA D . 20.46 8.34 10.07
O5B COA D . 19.64 8.10 8.94
P1A COA D . 19.10 9.27 7.98
O1A COA D . 17.59 9.33 8.06
O2A COA D . 19.72 10.61 8.33
O3A COA D . 19.57 8.80 6.51
P2A COA D . 21.13 8.88 6.09
O4A COA D . 21.48 7.68 5.23
O5A COA D . 22.03 8.95 7.31
O6A COA D . 21.24 10.24 5.24
CBP COA D . 20.19 11.81 3.72
CCP COA D . 20.62 10.37 3.98
CDP COA D . 19.08 12.18 4.69
CEP COA D . 21.37 12.76 3.95
CAP COA D . 19.73 11.90 2.25
OAP COA D . 18.75 10.91 1.95
C9P COA D . 19.23 13.26 1.82
O9P COA D . 20.15 14.22 1.31
N8P COA D . 17.92 13.46 1.91
C7P COA D . 17.29 14.73 1.59
C6P COA D . 17.26 15.01 0.10
C5P COA D . 16.35 14.03 -0.60
O5P COA D . 16.40 12.81 -0.35
N4P COA D . 15.51 14.57 -1.49
C3P COA D . 14.67 13.74 -2.32
C2P COA D . 15.06 13.89 -3.78
S1P COA D . 14.06 15.17 -4.56
PA FAD E . -20.50 -15.85 7.49
O1A FAD E . -20.99 -15.56 8.90
O2A FAD E . -20.34 -14.58 6.69
O5B FAD E . -21.51 -16.86 6.76
C5B FAD E . -21.99 -18.00 7.44
C4B FAD E . -23.47 -18.15 7.12
O4B FAD E . -23.91 -19.48 7.35
C3B FAD E . -24.31 -17.23 8.00
O3B FAD E . -25.06 -16.36 7.17
C2B FAD E . -25.24 -18.16 8.76
O2B FAD E . -26.56 -17.66 8.82
C1B FAD E . -25.19 -19.44 7.94
N9A FAD E . -25.46 -20.65 8.76
C8A FAD E . -24.98 -20.94 10.01
N7A FAD E . -25.49 -22.13 10.39
C5A FAD E . -26.27 -22.62 9.40
C6A FAD E . -27.02 -23.78 9.27
N6A FAD E . -27.23 -24.55 10.33
N1A FAD E . -27.75 -24.00 8.12
C2A FAD E . -27.74 -23.07 7.10
N3A FAD E . -26.98 -21.91 7.23
C4A FAD E . -26.27 -21.68 8.37
N1 FAD E . -13.27 -9.59 8.41
C2 FAD E . -12.31 -8.82 7.76
O2 FAD E . -11.50 -9.34 6.99
N3 FAD E . -12.26 -7.45 7.98
C4 FAD E . -13.15 -6.85 8.85
O4 FAD E . -13.09 -5.63 9.03
C4X FAD E . -14.12 -7.63 9.50
N5 FAD E . -15.03 -7.02 10.36
C5X FAD E . -15.99 -7.78 11.01
C6 FAD E . -16.89 -7.16 11.87
C7 FAD E . -17.86 -7.91 12.53
C7M FAD E . -18.82 -7.22 13.46
C8 FAD E . -17.93 -9.30 12.32
C8M FAD E . -18.96 -10.14 13.01
C9 FAD E . -17.03 -9.91 11.45
C9A FAD E . -16.05 -9.16 10.79
N10 FAD E . -15.15 -9.77 9.92
C10 FAD E . -14.18 -9.00 9.27
C1' FAD E . -15.21 -11.26 9.69
C2' FAD E . -15.93 -11.64 8.41
O2' FAD E . -17.24 -11.14 8.43
C3' FAD E . -15.98 -13.17 8.29
O3' FAD E . -14.69 -13.70 8.47
C4' FAD E . -16.54 -13.65 6.96
O4' FAD E . -17.82 -13.12 6.75
C5' FAD E . -16.60 -15.17 6.96
O5' FAD E . -17.50 -15.64 5.99
P FAD E . -18.28 -17.01 6.26
O1P FAD E . -19.21 -17.33 5.10
O2P FAD E . -17.33 -18.16 6.53
O3P FAD E . -19.14 -16.70 7.58
N1A COA F . -14.25 -6.40 -10.71
C2A COA F . -14.63 -7.62 -10.18
N3A COA F . -14.69 -8.75 -10.99
C4A COA F . -14.36 -8.65 -12.30
C5A COA F . -13.97 -7.44 -12.85
C6A COA F . -13.91 -6.31 -12.05
N6A COA F . -13.26 -5.23 -12.49
N7A COA F . -13.70 -7.62 -14.15
C8A COA F . -13.92 -8.92 -14.46
N9A COA F . -14.32 -9.59 -13.32
C1B COA F . -14.54 -11.04 -13.27
C2B COA F . -13.97 -11.79 -12.07
O2B COA F . -12.63 -12.15 -12.30
C3B COA F . -14.87 -13.01 -12.02
O3B COA F . -14.46 -13.88 -13.05
P3B COA F . -14.69 -15.49 -13.08
O7A COA F . -14.06 -16.01 -14.36
O8A COA F . -14.05 -16.14 -11.88
O9A COA F . -16.17 -15.82 -13.10
C4B COA F . -16.22 -12.41 -12.39
O4B COA F . -15.93 -11.36 -13.31
C5B COA F . -17.00 -11.76 -11.24
O5B COA F . -16.98 -12.57 -10.09
P1A COA F . -17.07 -11.93 -8.62
O1A COA F . -16.25 -10.66 -8.55
O2A COA F . -18.50 -11.71 -8.20
O3A COA F . -16.39 -13.06 -7.70
P2A COA F . -17.13 -14.48 -7.50
O4A COA F . -16.12 -15.51 -7.03
O5A COA F . -17.86 -14.94 -8.74
O6A COA F . -18.20 -14.20 -6.34
CBP COA F . -18.90 -13.49 -4.14
CCP COA F . -17.78 -14.09 -4.99
CDP COA F . -20.17 -14.33 -4.36
CEP COA F . -19.17 -12.06 -4.59
CAP COA F . -18.46 -13.53 -2.68
OAP COA F . -17.22 -12.87 -2.50
C9P COA F . -19.49 -12.96 -1.72
O9P COA F . -20.66 -13.69 -1.41
N8P COA F . -19.21 -11.76 -1.21
C7P COA F . -20.10 -11.09 -0.28
C6P COA F . -19.55 -11.09 1.14
C5P COA F . -18.14 -10.53 1.21
O5P COA F . -17.62 -10.00 0.20
N4P COA F . -17.49 -10.63 2.36
C3P COA F . -18.10 -11.08 3.60
C2P COA F . -17.56 -10.33 4.81
S1P COA F . -17.02 -8.66 4.39
#